data_5AGV
#
_entry.id   5AGV
#
_cell.length_a   72.869
_cell.length_b   89.764
_cell.length_c   81.928
_cell.angle_alpha   90.00
_cell.angle_beta   95.14
_cell.angle_gamma   90.00
#
_symmetry.space_group_name_H-M   'P 1 21 1'
#
loop_
_entity.id
_entity.type
_entity.pdbx_description
1 polymer 'DNA POLYMERASE III SUBUNIT BETA'
2 polymer 'CYCLOHEXYL GRISELIMYCIN'
3 non-polymer 'CALCIUM ION'
4 non-polymer 'SODIUM ION'
5 non-polymer (R,R)-2,3-BUTANEDIOL
6 water water
#
loop_
_entity_poly.entity_id
_entity_poly.type
_entity_poly.pdbx_seq_one_letter_code
_entity_poly.pdbx_strand_id
1 'polypeptide(L)'
;GGGRMDAATTRVGLTDLTFRLLRESFADAVSWVAKNLPARPAVPVLSGVLLTGSDNGLTISGFDYEVSAEAQVGAEIVSP
GSVLVSGRLLSDITRALPNKPVDVHVEGNRVALTCGNARFSLPTMPVEDYPTLPTLPEETGLLPAELFAEAISQVAIAAG
RDDTLPMLTGIRVEILGETVVLAATDRFRLAVRELKWSASSPDIEAAVLVPAKTLAEAAKAGIGGSDVRLSLGTGPGVGK
DGLLGISGNGKRSTTRLLDAEFPKFRQLLPTEHTAVATMDVAELIEAIKLVALVADRGAQVRMEFADGSVRLSAGADDVG
RAEEDLVVDYAGEPLTIAFNPTYLTDGLSSLRSERVSFGFTTAGKPALLRPVSGDDRPVAGLNGNGPFPAVSTDYVYLLM
PVRLPG
;
A,B
2 'polypeptide(L)' (ACE)(MVA)(MP8)(NZC)L(MP8)L(MVA)(PH6)(MLU)G C,D
#
loop_
_chem_comp.id
_chem_comp.type
_chem_comp.name
_chem_comp.formula
ACE non-polymer 'ACETYL GROUP' 'C2 H4 O'
BU3 non-polymer (R,R)-2,3-BUTANEDIOL 'C4 H10 O2'
CA non-polymer 'CALCIUM ION' 'Ca 2'
NA non-polymer 'SODIUM ION' 'Na 1'
#
# COMPACT_ATOMS: atom_id res chain seq x y z
N LEU A 14 -40.74 9.85 -14.56
CA LEU A 14 -42.13 9.68 -14.14
C LEU A 14 -42.31 9.98 -12.65
N THR A 15 -41.20 9.95 -11.90
CA THR A 15 -41.22 10.23 -10.47
C THR A 15 -40.06 11.14 -10.05
N ASP A 16 -40.23 11.82 -8.92
CA ASP A 16 -39.22 12.75 -8.43
C ASP A 16 -38.28 12.08 -7.42
N LEU A 17 -37.00 12.45 -7.47
CA LEU A 17 -36.00 11.85 -6.62
C LEU A 17 -36.11 12.29 -5.17
N THR A 18 -36.06 11.31 -4.28
CA THR A 18 -36.05 11.55 -2.85
C THR A 18 -35.12 10.54 -2.22
N PHE A 19 -34.08 11.02 -1.55
CA PHE A 19 -33.18 10.07 -0.90
C PHE A 19 -32.66 10.62 0.41
N ARG A 20 -32.01 9.72 1.15
CA ARG A 20 -31.50 10.03 2.47
C ARG A 20 -30.16 9.34 2.63
N LEU A 21 -29.16 10.03 3.16
CA LEU A 21 -27.90 9.36 3.52
C LEU A 21 -27.08 10.23 4.46
N LEU A 22 -26.08 9.61 5.10
CA LEU A 22 -25.25 10.32 6.05
C LEU A 22 -24.43 11.39 5.35
N ARG A 23 -24.24 12.52 6.02
CA ARG A 23 -23.54 13.65 5.42
C ARG A 23 -22.16 13.29 4.89
N GLU A 24 -21.38 12.55 5.68
CA GLU A 24 -19.98 12.28 5.33
C GLU A 24 -19.85 11.51 4.01
N SER A 25 -20.66 10.46 3.86
CA SER A 25 -20.69 9.69 2.62
C SER A 25 -21.08 10.59 1.44
N PHE A 26 -22.11 11.41 1.65
CA PHE A 26 -22.60 12.33 0.62
C PHE A 26 -21.51 13.36 0.25
N ALA A 27 -20.93 14.00 1.26
CA ALA A 27 -19.93 15.04 1.04
C ALA A 27 -18.71 14.54 0.28
N ASP A 28 -18.21 13.36 0.66
CA ASP A 28 -17.00 12.82 0.03
C ASP A 28 -17.22 12.49 -1.44
N ALA A 29 -18.38 11.94 -1.76
CA ALA A 29 -18.69 11.61 -3.16
C ALA A 29 -18.87 12.89 -3.96
N VAL A 30 -19.64 13.83 -3.42
CA VAL A 30 -19.97 15.06 -4.13
C VAL A 30 -18.72 15.87 -4.44
N SER A 31 -17.83 15.95 -3.46
N SER A 31 -17.82 15.96 -3.46
CA SER A 31 -16.60 16.72 -3.58
CA SER A 31 -16.61 16.76 -3.61
C SER A 31 -15.75 16.18 -4.71
C SER A 31 -15.69 16.19 -4.69
N TRP A 32 -15.54 14.87 -4.69
CA TRP A 32 -14.73 14.21 -5.69
C TRP A 32 -15.28 14.44 -7.12
N VAL A 33 -16.60 14.41 -7.25
CA VAL A 33 -17.23 14.54 -8.56
C VAL A 33 -17.28 15.98 -9.06
N ALA A 34 -17.46 16.94 -8.14
CA ALA A 34 -17.64 18.33 -8.54
C ALA A 34 -16.34 19.05 -8.91
N LYS A 35 -15.20 18.49 -8.48
CA LYS A 35 -13.93 19.22 -8.57
C LYS A 35 -13.44 19.40 -10.01
N ASN A 36 -13.83 18.49 -10.90
CA ASN A 36 -13.38 18.60 -12.29
C ASN A 36 -14.38 19.27 -13.21
N LEU A 37 -15.34 19.99 -12.63
CA LEU A 37 -16.27 20.81 -13.40
C LEU A 37 -15.59 22.08 -13.91
N PRO A 38 -16.01 22.57 -15.10
CA PRO A 38 -15.39 23.72 -15.80
C PRO A 38 -15.33 25.01 -14.97
N ALA A 39 -14.27 25.79 -15.19
CA ALA A 39 -14.12 27.07 -14.52
C ALA A 39 -15.12 28.09 -15.06
N ARG A 40 -15.24 28.13 -16.39
CA ARG A 40 -16.21 29.00 -17.04
C ARG A 40 -17.16 28.17 -17.91
N PRO A 41 -18.20 27.59 -17.28
CA PRO A 41 -19.18 26.74 -17.97
C PRO A 41 -19.91 27.49 -19.10
N ALA A 42 -19.91 26.89 -20.28
CA ALA A 42 -20.51 27.50 -21.47
C ALA A 42 -21.98 27.87 -21.26
N VAL A 43 -22.68 27.00 -20.53
CA VAL A 43 -24.08 27.21 -20.17
C VAL A 43 -24.28 26.74 -18.73
N PRO A 44 -25.22 27.35 -18.00
CA PRO A 44 -25.50 27.00 -16.61
C PRO A 44 -25.53 25.49 -16.35
N VAL A 45 -26.05 24.72 -17.31
CA VAL A 45 -26.14 23.27 -17.18
C VAL A 45 -24.77 22.64 -16.90
N LEU A 46 -23.73 23.20 -17.50
CA LEU A 46 -22.40 22.61 -17.38
C LEU A 46 -21.72 22.83 -16.01
N SER A 47 -22.33 23.65 -15.16
CA SER A 47 -21.84 23.86 -13.80
C SER A 47 -22.46 22.85 -12.83
N GLY A 48 -23.34 22.02 -13.36
CA GLY A 48 -24.13 21.13 -12.52
C GLY A 48 -23.52 19.77 -12.28
N VAL A 49 -23.97 19.13 -11.21
N VAL A 49 -23.89 19.14 -11.17
CA VAL A 49 -23.65 17.74 -10.93
CA VAL A 49 -23.64 17.71 -11.00
C VAL A 49 -24.95 16.93 -10.93
C VAL A 49 -24.97 17.00 -11.07
N LEU A 50 -24.95 15.81 -11.64
CA LEU A 50 -26.15 15.02 -11.82
C LEU A 50 -26.25 13.96 -10.73
N LEU A 51 -27.35 14.02 -9.99
N LEU A 51 -27.36 13.99 -9.98
CA LEU A 51 -27.66 13.03 -8.95
CA LEU A 51 -27.58 13.00 -8.93
C LEU A 51 -28.66 12.06 -9.53
C LEU A 51 -28.71 12.05 -9.34
N THR A 52 -28.40 10.78 -9.45
CA THR A 52 -29.34 9.77 -9.91
C THR A 52 -29.53 8.71 -8.83
N GLY A 53 -30.77 8.55 -8.37
CA GLY A 53 -31.04 7.54 -7.35
C GLY A 53 -31.85 6.40 -7.92
N SER A 54 -31.42 5.18 -7.65
N SER A 54 -31.42 5.18 -7.65
CA SER A 54 -32.13 4.00 -8.11
CA SER A 54 -32.15 4.01 -8.11
C SER A 54 -31.87 2.82 -7.18
C SER A 54 -31.88 2.82 -7.20
N ASP A 55 -32.94 2.08 -6.88
CA ASP A 55 -32.87 0.91 -5.99
C ASP A 55 -32.28 1.25 -4.61
N ASN A 56 -31.00 0.95 -4.42
CA ASN A 56 -30.35 1.13 -3.12
C ASN A 56 -29.11 2.01 -3.24
N GLY A 57 -29.04 2.79 -4.32
CA GLY A 57 -27.81 3.48 -4.67
C GLY A 57 -28.00 4.87 -5.23
N LEU A 58 -27.00 5.69 -4.97
CA LEU A 58 -26.95 7.06 -5.47
C LEU A 58 -25.75 7.23 -6.39
N THR A 59 -25.98 7.68 -7.61
CA THR A 59 -24.88 7.99 -8.51
C THR A 59 -24.73 9.50 -8.60
N ILE A 60 -23.49 9.97 -8.51
CA ILE A 60 -23.19 11.39 -8.64
C ILE A 60 -22.25 11.57 -9.84
N SER A 61 -22.68 12.34 -10.84
CA SER A 61 -21.96 12.45 -12.12
C SER A 61 -21.56 13.90 -12.45
N GLY A 62 -20.32 14.11 -12.89
CA GLY A 62 -19.82 15.41 -13.28
C GLY A 62 -19.20 15.32 -14.66
N PHE A 63 -19.79 16.03 -15.63
CA PHE A 63 -19.26 16.04 -16.98
C PHE A 63 -18.38 17.24 -17.24
N ASP A 64 -17.27 16.99 -17.89
CA ASP A 64 -16.46 18.04 -18.44
C ASP A 64 -15.79 17.45 -19.68
N TYR A 65 -15.60 18.28 -20.69
N TYR A 65 -15.53 18.26 -20.69
CA TYR A 65 -14.97 17.88 -21.96
CA TYR A 65 -15.05 17.71 -21.95
C TYR A 65 -13.71 17.07 -21.70
C TYR A 65 -13.60 17.19 -21.85
N GLU A 66 -12.89 17.57 -20.80
CA GLU A 66 -11.60 16.96 -20.50
C GLU A 66 -11.74 15.75 -19.57
N VAL A 67 -12.27 16.00 -18.37
CA VAL A 67 -12.32 14.98 -17.33
C VAL A 67 -13.74 14.80 -16.81
N SER A 68 -14.27 13.58 -16.92
N SER A 68 -14.25 13.60 -16.97
CA SER A 68 -15.61 13.30 -16.40
CA SER A 68 -15.53 13.24 -16.37
C SER A 68 -15.49 12.29 -15.26
C SER A 68 -15.24 12.56 -15.06
N ALA A 69 -16.23 12.52 -14.18
CA ALA A 69 -16.08 11.77 -12.95
C ALA A 69 -17.44 11.31 -12.44
N GLU A 70 -17.49 10.10 -11.87
CA GLU A 70 -18.77 9.53 -11.44
C GLU A 70 -18.60 8.66 -10.18
N ALA A 71 -19.23 9.07 -9.09
CA ALA A 71 -19.17 8.33 -7.83
C ALA A 71 -20.49 7.61 -7.53
N GLN A 72 -20.38 6.43 -6.92
CA GLN A 72 -21.56 5.65 -6.57
C GLN A 72 -21.51 5.34 -5.08
N VAL A 73 -22.57 5.66 -4.36
CA VAL A 73 -22.61 5.36 -2.92
C VAL A 73 -23.94 4.74 -2.54
N GLY A 74 -23.91 3.95 -1.47
CA GLY A 74 -25.15 3.41 -0.90
C GLY A 74 -26.00 4.56 -0.43
N ALA A 75 -27.32 4.43 -0.58
CA ALA A 75 -28.23 5.44 -0.08
C ALA A 75 -29.62 4.88 0.10
N GLU A 76 -30.37 5.50 1.01
CA GLU A 76 -31.79 5.18 1.13
C GLU A 76 -32.53 5.94 0.03
N ILE A 77 -33.03 5.20 -0.95
CA ILE A 77 -33.81 5.79 -2.04
C ILE A 77 -35.30 5.68 -1.73
N VAL A 78 -35.91 6.79 -1.34
CA VAL A 78 -37.34 6.84 -1.03
C VAL A 78 -38.15 6.80 -2.32
N SER A 79 -37.64 7.51 -3.32
CA SER A 79 -38.27 7.60 -4.63
C SER A 79 -37.17 7.82 -5.66
N PRO A 80 -37.18 7.03 -6.74
CA PRO A 80 -36.09 7.13 -7.73
C PRO A 80 -36.27 8.32 -8.66
N GLY A 81 -35.19 8.72 -9.32
CA GLY A 81 -35.22 9.85 -10.22
C GLY A 81 -33.85 10.48 -10.38
N SER A 82 -33.80 11.63 -11.05
CA SER A 82 -32.54 12.33 -11.20
C SER A 82 -32.74 13.83 -11.15
N VAL A 83 -31.67 14.55 -10.81
CA VAL A 83 -31.75 15.98 -10.65
C VAL A 83 -30.37 16.57 -10.92
N LEU A 84 -30.35 17.77 -11.49
CA LEU A 84 -29.13 18.47 -11.83
C LEU A 84 -29.04 19.73 -10.97
N VAL A 85 -28.04 19.80 -10.09
N VAL A 85 -28.02 19.78 -10.10
CA VAL A 85 -27.87 20.96 -9.24
CA VAL A 85 -27.82 20.87 -9.14
C VAL A 85 -26.45 21.49 -9.30
C VAL A 85 -26.43 21.48 -9.32
N SER A 86 -26.28 22.76 -8.94
CA SER A 86 -24.97 23.40 -8.93
C SER A 86 -23.92 22.58 -8.16
N GLY A 87 -22.83 22.23 -8.83
CA GLY A 87 -21.84 21.35 -8.23
C GLY A 87 -21.10 21.99 -7.08
N ARG A 88 -20.63 23.21 -7.29
CA ARG A 88 -19.83 23.92 -6.30
C ARG A 88 -20.64 24.22 -5.04
N LEU A 89 -21.89 24.62 -5.22
CA LEU A 89 -22.75 24.93 -4.09
C LEU A 89 -23.09 23.68 -3.29
N LEU A 90 -23.40 22.59 -3.99
CA LEU A 90 -23.69 21.33 -3.32
C LEU A 90 -22.49 20.87 -2.50
N SER A 91 -21.31 21.00 -3.09
CA SER A 91 -20.08 20.63 -2.44
C SER A 91 -19.85 21.45 -1.17
N ASP A 92 -20.00 22.77 -1.28
CA ASP A 92 -19.80 23.65 -0.14
C ASP A 92 -20.77 23.33 0.99
N ILE A 93 -22.04 23.18 0.63
CA ILE A 93 -23.07 22.90 1.62
C ILE A 93 -22.79 21.57 2.33
N THR A 94 -22.57 20.49 1.58
CA THR A 94 -22.40 19.18 2.19
C THR A 94 -21.13 19.11 3.03
N ARG A 95 -20.12 19.86 2.64
CA ARG A 95 -18.90 19.95 3.44
C ARG A 95 -19.16 20.60 4.80
N ALA A 96 -20.12 21.53 4.86
CA ALA A 96 -20.30 22.36 6.06
C ALA A 96 -21.39 21.84 7.01
N LEU A 97 -22.17 20.87 6.57
CA LEU A 97 -23.30 20.40 7.38
C LEU A 97 -22.83 19.64 8.62
N PRO A 98 -23.71 19.48 9.62
CA PRO A 98 -23.40 18.57 10.73
C PRO A 98 -23.37 17.10 10.28
N ASN A 99 -22.77 16.22 11.08
CA ASN A 99 -22.67 14.80 10.72
C ASN A 99 -23.98 14.03 10.93
N LYS A 100 -25.08 14.57 10.39
CA LYS A 100 -26.41 13.99 10.54
C LYS A 100 -26.94 13.48 9.19
N PRO A 101 -28.06 12.73 9.21
CA PRO A 101 -28.56 12.33 7.89
C PRO A 101 -28.95 13.55 7.07
N VAL A 102 -28.74 13.48 5.76
CA VAL A 102 -29.14 14.53 4.84
C VAL A 102 -30.33 14.04 4.01
N ASP A 103 -31.44 14.77 4.09
CA ASP A 103 -32.62 14.49 3.26
C ASP A 103 -32.60 15.35 2.01
N VAL A 104 -32.76 14.73 0.85
CA VAL A 104 -32.82 15.43 -0.42
C VAL A 104 -34.14 15.11 -1.12
N HIS A 105 -34.90 16.14 -1.46
CA HIS A 105 -36.21 15.95 -2.07
C HIS A 105 -36.44 16.93 -3.18
N VAL A 106 -36.63 16.41 -4.39
CA VAL A 106 -36.91 17.24 -5.56
C VAL A 106 -38.40 17.49 -5.70
N GLU A 107 -38.77 18.76 -5.73
CA GLU A 107 -40.13 19.19 -6.04
C GLU A 107 -40.10 20.20 -7.17
N GLY A 108 -40.61 19.78 -8.33
CA GLY A 108 -40.67 20.65 -9.49
C GLY A 108 -39.32 21.16 -9.94
N ASN A 109 -39.11 22.45 -9.80
CA ASN A 109 -37.91 23.10 -10.30
C ASN A 109 -36.90 23.37 -9.19
N ARG A 110 -37.13 22.79 -8.01
CA ARG A 110 -36.24 22.99 -6.87
C ARG A 110 -35.93 21.68 -6.15
N VAL A 111 -34.86 21.70 -5.37
CA VAL A 111 -34.49 20.56 -4.57
C VAL A 111 -34.29 21.05 -3.14
N ALA A 112 -34.96 20.38 -2.21
CA ALA A 112 -34.85 20.73 -0.81
C ALA A 112 -33.79 19.81 -0.20
N LEU A 113 -32.86 20.39 0.51
CA LEU A 113 -31.86 19.60 1.21
C LEU A 113 -32.02 19.93 2.69
N THR A 114 -32.32 18.93 3.50
CA THR A 114 -32.56 19.15 4.92
C THR A 114 -31.57 18.34 5.75
N CYS A 115 -31.04 18.96 6.79
CA CYS A 115 -30.10 18.31 7.66
C CYS A 115 -30.27 18.90 9.06
N GLY A 116 -30.77 18.10 9.99
CA GLY A 116 -31.13 18.61 11.30
C GLY A 116 -32.07 19.80 11.20
N ASN A 117 -31.66 20.91 11.82
CA ASN A 117 -32.45 22.14 11.84
C ASN A 117 -32.17 23.08 10.67
N ALA A 118 -31.32 22.65 9.76
CA ALA A 118 -30.95 23.46 8.60
C ALA A 118 -31.72 23.02 7.35
N ARG A 119 -32.23 24.00 6.60
CA ARG A 119 -32.99 23.71 5.39
C ARG A 119 -32.49 24.55 4.23
N PHE A 120 -32.22 23.90 3.10
CA PHE A 120 -31.79 24.57 1.89
C PHE A 120 -32.81 24.32 0.81
N SER A 121 -32.98 25.31 -0.07
CA SER A 121 -33.84 25.16 -1.24
C SER A 121 -33.07 25.70 -2.43
N LEU A 122 -32.65 24.80 -3.31
CA LEU A 122 -31.81 25.15 -4.45
C LEU A 122 -32.54 24.99 -5.77
N PRO A 123 -32.23 25.87 -6.74
CA PRO A 123 -32.82 25.73 -8.08
C PRO A 123 -32.20 24.54 -8.81
N THR A 124 -33.01 23.84 -9.60
CA THR A 124 -32.49 22.73 -10.39
C THR A 124 -32.40 23.14 -11.86
N MET A 125 -31.71 22.32 -12.64
CA MET A 125 -31.56 22.57 -14.05
C MET A 125 -32.08 21.38 -14.85
N PRO A 126 -32.44 21.59 -16.13
CA PRO A 126 -33.04 20.50 -16.92
C PRO A 126 -32.07 19.36 -17.16
N VAL A 127 -32.36 18.18 -16.62
CA VAL A 127 -31.46 17.05 -16.75
C VAL A 127 -31.29 16.61 -18.22
N GLU A 128 -32.29 16.91 -19.05
CA GLU A 128 -32.26 16.53 -20.46
C GLU A 128 -31.14 17.23 -21.23
N ASP A 129 -30.63 18.33 -20.67
CA ASP A 129 -29.61 19.14 -21.34
C ASP A 129 -28.18 18.79 -20.92
N TYR A 130 -28.07 17.88 -19.96
CA TYR A 130 -26.75 17.50 -19.47
C TYR A 130 -26.09 16.48 -20.40
N PRO A 131 -24.85 16.76 -20.84
CA PRO A 131 -24.12 15.85 -21.71
C PRO A 131 -23.92 14.47 -21.10
N THR A 132 -23.93 13.46 -21.95
CA THR A 132 -23.68 12.10 -21.50
C THR A 132 -22.20 11.92 -21.15
N LEU A 133 -21.93 11.28 -20.03
CA LEU A 133 -20.54 11.00 -19.67
C LEU A 133 -19.99 9.91 -20.56
N PRO A 134 -18.73 10.07 -21.00
CA PRO A 134 -18.14 9.06 -21.88
C PRO A 134 -18.08 7.70 -21.21
N THR A 135 -18.23 6.65 -21.99
CA THR A 135 -18.10 5.28 -21.48
C THR A 135 -16.63 4.96 -21.24
N LEU A 136 -16.33 4.29 -20.13
CA LEU A 136 -14.95 3.89 -19.90
C LEU A 136 -14.49 2.85 -20.93
N PRO A 137 -13.24 2.98 -21.38
CA PRO A 137 -12.67 1.95 -22.25
C PRO A 137 -12.59 0.60 -21.52
N GLU A 138 -12.33 -0.47 -22.26
CA GLU A 138 -12.13 -1.77 -21.65
C GLU A 138 -10.91 -1.72 -20.73
N GLU A 139 -10.97 -2.48 -19.63
CA GLU A 139 -9.87 -2.54 -18.68
C GLU A 139 -8.57 -3.03 -19.32
N THR A 140 -7.47 -2.34 -19.03
CA THR A 140 -6.18 -2.68 -19.60
C THR A 140 -5.31 -3.42 -18.57
N GLY A 141 -5.43 -3.02 -17.31
CA GLY A 141 -4.69 -3.66 -16.23
C GLY A 141 -5.01 -3.03 -14.89
N LEU A 142 -4.43 -3.56 -13.82
CA LEU A 142 -4.63 -2.94 -12.51
C LEU A 142 -3.37 -3.08 -11.63
N LEU A 143 -3.33 -2.30 -10.56
CA LEU A 143 -2.17 -2.27 -9.69
C LEU A 143 -2.60 -1.77 -8.32
N PRO A 144 -1.82 -2.08 -7.27
CA PRO A 144 -2.18 -1.67 -5.92
C PRO A 144 -2.24 -0.14 -5.80
N ALA A 145 -3.16 0.37 -4.99
CA ALA A 145 -3.33 1.81 -4.83
C ALA A 145 -2.04 2.47 -4.34
N GLU A 146 -1.30 1.80 -3.47
CA GLU A 146 -0.10 2.42 -2.91
C GLU A 146 0.99 2.54 -3.99
N LEU A 147 1.02 1.58 -4.92
CA LEU A 147 2.02 1.62 -6.00
C LEU A 147 1.67 2.73 -7.00
N PHE A 148 0.41 2.77 -7.38
CA PHE A 148 -0.11 3.85 -8.22
C PHE A 148 0.21 5.23 -7.60
N ALA A 149 -0.04 5.40 -6.30
CA ALA A 149 0.22 6.69 -5.64
C ALA A 149 1.70 7.06 -5.66
N GLU A 150 2.56 6.10 -5.37
CA GLU A 150 3.99 6.36 -5.32
C GLU A 150 4.53 6.69 -6.71
N ALA A 151 4.26 5.81 -7.68
CA ALA A 151 4.80 5.98 -9.02
C ALA A 151 4.36 7.29 -9.65
N ILE A 152 3.08 7.63 -9.51
CA ILE A 152 2.60 8.87 -10.12
C ILE A 152 3.21 10.07 -9.41
N SER A 153 3.28 10.02 -8.07
CA SER A 153 3.86 11.12 -7.31
CA SER A 153 3.83 11.16 -7.34
C SER A 153 5.32 11.37 -7.67
N GLN A 154 6.04 10.26 -7.91
CA GLN A 154 7.47 10.35 -8.25
C GLN A 154 7.74 10.97 -9.61
N VAL A 155 6.82 10.77 -10.55
N VAL A 155 6.81 10.76 -10.53
CA VAL A 155 7.05 11.26 -11.91
CA VAL A 155 7.00 11.20 -11.92
C VAL A 155 6.35 12.58 -12.20
C VAL A 155 6.37 12.58 -12.16
N ALA A 156 5.21 12.82 -11.56
CA ALA A 156 4.45 14.04 -11.84
C ALA A 156 5.20 15.31 -11.46
N ILE A 157 6.07 15.21 -10.46
CA ILE A 157 6.84 16.36 -10.00
C ILE A 157 7.72 16.96 -11.10
N ALA A 158 8.04 16.16 -12.11
CA ALA A 158 8.90 16.60 -13.21
C ALA A 158 8.12 17.15 -14.42
N ALA A 159 6.80 17.00 -14.42
CA ALA A 159 6.00 17.42 -15.58
C ALA A 159 5.97 18.94 -15.72
N GLY A 160 5.97 19.40 -16.97
CA GLY A 160 5.80 20.82 -17.24
C GLY A 160 4.42 21.32 -16.80
N ARG A 161 4.34 22.60 -16.50
CA ARG A 161 3.10 23.24 -16.10
C ARG A 161 2.74 24.39 -17.04
N ASP A 162 3.34 24.39 -18.22
CA ASP A 162 3.16 25.47 -19.18
C ASP A 162 2.36 24.98 -20.38
N ASP A 163 1.12 25.46 -20.51
CA ASP A 163 0.25 24.96 -21.58
CA ASP A 163 0.23 25.00 -21.58
C ASP A 163 0.66 25.43 -22.98
N THR A 164 1.69 26.26 -23.08
CA THR A 164 2.21 26.63 -24.40
C THR A 164 3.05 25.49 -24.96
N LEU A 165 3.38 24.52 -24.11
CA LEU A 165 4.08 23.32 -24.54
C LEU A 165 3.31 22.10 -24.04
N PRO A 166 2.17 21.82 -24.69
CA PRO A 166 1.22 20.81 -24.19
C PRO A 166 1.88 19.45 -23.98
N MET A 167 2.83 19.06 -24.83
CA MET A 167 3.42 17.73 -24.71
C MET A 167 4.06 17.55 -23.33
N LEU A 168 4.70 18.59 -22.81
CA LEU A 168 5.38 18.49 -21.51
C LEU A 168 4.42 18.42 -20.32
N THR A 169 3.14 18.75 -20.52
CA THR A 169 2.19 18.73 -19.40
C THR A 169 1.64 17.33 -19.16
N GLY A 170 2.14 16.37 -19.94
CA GLY A 170 1.64 15.02 -19.85
C GLY A 170 2.56 14.10 -19.08
N ILE A 171 2.01 12.99 -18.61
CA ILE A 171 2.84 11.87 -18.19
C ILE A 171 2.77 10.82 -19.29
N ARG A 172 3.93 10.46 -19.84
CA ARG A 172 3.98 9.42 -20.86
C ARG A 172 3.80 8.06 -20.20
N VAL A 173 2.91 7.25 -20.75
CA VAL A 173 2.59 5.93 -20.18
C VAL A 173 2.86 4.88 -21.25
N GLU A 174 3.88 4.05 -21.03
CA GLU A 174 4.23 3.00 -21.97
C GLU A 174 3.92 1.65 -21.35
N ILE A 175 3.08 0.88 -22.02
CA ILE A 175 2.68 -0.43 -21.53
C ILE A 175 3.21 -1.51 -22.44
N LEU A 176 3.82 -2.54 -21.84
CA LEU A 176 4.20 -3.74 -22.59
C LEU A 176 4.01 -4.94 -21.67
N GLY A 177 2.88 -5.61 -21.83
CA GLY A 177 2.52 -6.71 -20.96
C GLY A 177 2.44 -6.30 -19.51
N GLU A 178 3.22 -6.98 -18.69
CA GLU A 178 3.27 -6.83 -17.24
CA GLU A 178 3.18 -6.77 -17.25
C GLU A 178 4.01 -5.57 -16.81
N THR A 179 4.66 -4.90 -17.76
CA THR A 179 5.53 -3.78 -17.45
C THR A 179 4.95 -2.44 -17.87
N VAL A 180 5.04 -1.46 -16.98
CA VAL A 180 4.58 -0.11 -17.25
C VAL A 180 5.74 0.87 -17.02
N VAL A 181 5.96 1.76 -17.98
CA VAL A 181 6.97 2.78 -17.81
C VAL A 181 6.30 4.14 -17.82
N LEU A 182 6.63 4.96 -16.83
N LEU A 182 6.57 4.92 -16.79
CA LEU A 182 6.04 6.27 -16.66
CA LEU A 182 6.09 6.29 -16.67
C LEU A 182 7.12 7.35 -16.75
C LEU A 182 7.22 7.23 -17.02
N ALA A 183 6.88 8.40 -17.54
CA ALA A 183 7.90 9.42 -17.78
C ALA A 183 7.31 10.81 -17.84
N ALA A 184 8.04 11.79 -17.30
CA ALA A 184 7.67 13.18 -17.45
C ALA A 184 8.90 14.09 -17.44
N THR A 185 8.79 15.22 -18.11
CA THR A 185 9.88 16.17 -18.11
C THR A 185 9.36 17.59 -18.33
N ASP A 186 10.09 18.59 -17.83
CA ASP A 186 9.75 19.98 -18.09
C ASP A 186 10.93 20.69 -18.79
N ARG A 187 11.83 19.88 -19.35
CA ARG A 187 13.07 20.27 -20.05
C ARG A 187 14.26 20.43 -19.10
N PHE A 188 14.02 20.45 -17.80
CA PHE A 188 15.11 20.65 -16.86
C PHE A 188 15.33 19.40 -15.99
N ARG A 189 14.26 18.66 -15.72
CA ARG A 189 14.39 17.34 -15.10
C ARG A 189 13.54 16.33 -15.87
N LEU A 190 13.96 15.07 -15.82
CA LEU A 190 13.24 13.96 -16.43
C LEU A 190 13.11 12.87 -15.38
N ALA A 191 11.87 12.47 -15.09
CA ALA A 191 11.63 11.41 -14.12
C ALA A 191 11.09 10.21 -14.85
N VAL A 192 11.62 9.03 -14.55
CA VAL A 192 11.18 7.82 -15.20
C VAL A 192 11.00 6.73 -14.15
N ARG A 193 9.81 6.15 -14.10
CA ARG A 193 9.51 5.04 -13.19
C ARG A 193 9.05 3.81 -13.97
N GLU A 194 9.67 2.67 -13.73
CA GLU A 194 9.20 1.42 -14.32
C GLU A 194 8.58 0.57 -13.20
N LEU A 195 7.46 -0.09 -13.50
CA LEU A 195 6.81 -0.90 -12.49
C LEU A 195 6.14 -2.12 -13.13
N LYS A 196 5.75 -3.07 -12.28
CA LYS A 196 4.98 -4.23 -12.73
C LYS A 196 3.51 -4.09 -12.32
N TRP A 197 2.61 -4.57 -13.16
CA TRP A 197 1.20 -4.53 -12.81
C TRP A 197 0.50 -5.79 -13.31
N SER A 198 -0.78 -5.92 -13.02
CA SER A 198 -1.55 -7.06 -13.47
C SER A 198 -2.27 -6.71 -14.76
N ALA A 199 -1.74 -7.19 -15.88
CA ALA A 199 -2.22 -6.81 -17.19
C ALA A 199 -3.43 -7.65 -17.58
N SER A 200 -4.37 -7.05 -18.28
CA SER A 200 -5.54 -7.80 -18.76
C SER A 200 -5.12 -8.86 -19.77
N SER A 201 -4.27 -8.48 -20.71
CA SER A 201 -3.73 -9.41 -21.70
C SER A 201 -2.20 -9.37 -21.68
N PRO A 202 -1.56 -10.54 -21.82
CA PRO A 202 -0.09 -10.65 -21.77
C PRO A 202 0.60 -9.92 -22.91
N ASP A 203 -0.08 -9.75 -24.03
CA ASP A 203 0.56 -9.20 -25.23
C ASP A 203 0.09 -7.78 -25.52
N ILE A 204 -0.42 -7.11 -24.49
CA ILE A 204 -0.89 -5.74 -24.64
C ILE A 204 0.32 -4.82 -24.80
N GLU A 205 0.17 -3.79 -25.64
CA GLU A 205 1.30 -2.91 -25.94
C GLU A 205 0.84 -1.57 -26.50
N ALA A 206 1.07 -0.50 -25.74
CA ALA A 206 0.67 0.83 -26.20
C ALA A 206 1.44 1.92 -25.48
N ALA A 207 1.34 3.13 -26.03
CA ALA A 207 1.99 4.30 -25.45
C ALA A 207 1.05 5.48 -25.60
N VAL A 208 0.72 6.11 -24.49
CA VAL A 208 -0.16 7.26 -24.54
C VAL A 208 0.41 8.40 -23.70
N LEU A 209 -0.27 9.54 -23.74
CA LEU A 209 0.20 10.71 -23.01
C LEU A 209 -0.99 11.28 -22.25
N VAL A 210 -0.87 11.28 -20.93
CA VAL A 210 -1.97 11.63 -20.02
C VAL A 210 -1.68 12.92 -19.28
N PRO A 211 -2.62 13.89 -19.31
CA PRO A 211 -2.45 15.13 -18.57
C PRO A 211 -2.03 14.85 -17.13
N ALA A 212 -0.89 15.42 -16.73
CA ALA A 212 -0.25 15.06 -15.46
C ALA A 212 -1.06 15.53 -14.26
N LYS A 213 -1.55 16.76 -14.31
CA LYS A 213 -2.19 17.38 -13.15
C LYS A 213 -3.35 16.51 -12.68
N THR A 214 -4.18 16.09 -13.63
CA THR A 214 -5.35 15.24 -13.38
CA THR A 214 -5.35 15.29 -13.28
C THR A 214 -4.98 13.87 -12.83
N LEU A 215 -3.97 13.26 -13.45
CA LEU A 215 -3.53 11.93 -13.08
C LEU A 215 -2.99 11.90 -11.64
N ALA A 216 -2.24 12.95 -11.31
CA ALA A 216 -1.68 13.13 -9.98
C ALA A 216 -2.76 13.21 -8.93
N GLU A 217 -3.82 13.96 -9.23
CA GLU A 217 -4.96 14.08 -8.32
C GLU A 217 -5.64 12.73 -8.08
N ALA A 218 -5.76 11.95 -9.15
CA ALA A 218 -6.38 10.62 -9.04
C ALA A 218 -5.53 9.67 -8.20
N ALA A 219 -4.22 9.74 -8.39
CA ALA A 219 -3.31 8.86 -7.65
C ALA A 219 -3.32 9.18 -6.16
N LYS A 220 -3.37 10.46 -5.83
CA LYS A 220 -3.48 10.88 -4.44
C LYS A 220 -4.79 10.44 -3.81
N ALA A 221 -5.87 10.50 -4.58
CA ALA A 221 -7.19 10.19 -4.07
C ALA A 221 -7.39 8.69 -3.86
N GLY A 222 -6.56 7.89 -4.51
CA GLY A 222 -6.62 6.45 -4.35
C GLY A 222 -6.00 5.99 -3.04
N ILE A 223 -5.17 6.83 -2.44
CA ILE A 223 -4.42 6.47 -1.23
C ILE A 223 -5.31 5.83 -0.16
N GLY A 224 -4.89 4.65 0.29
CA GLY A 224 -5.66 3.90 1.28
C GLY A 224 -6.69 2.99 0.64
N GLY A 225 -6.92 3.17 -0.66
CA GLY A 225 -8.04 2.51 -1.31
C GLY A 225 -7.81 1.11 -1.87
N SER A 226 -8.76 0.70 -2.70
CA SER A 226 -8.72 -0.59 -3.38
C SER A 226 -7.71 -0.54 -4.51
N ASP A 227 -7.45 -1.70 -5.13
CA ASP A 227 -6.65 -1.74 -6.37
C ASP A 227 -7.21 -0.74 -7.37
N VAL A 228 -6.34 -0.18 -8.19
CA VAL A 228 -6.75 0.82 -9.16
C VAL A 228 -6.76 0.21 -10.55
N ARG A 229 -7.86 0.38 -11.27
CA ARG A 229 -7.99 -0.16 -12.62
C ARG A 229 -7.78 0.93 -13.66
N LEU A 230 -6.87 0.69 -14.61
CA LEU A 230 -6.62 1.61 -15.70
C LEU A 230 -7.22 1.04 -16.98
N SER A 231 -8.01 1.86 -17.67
CA SER A 231 -8.78 1.42 -18.82
C SER A 231 -8.43 2.24 -20.04
N LEU A 232 -7.70 1.62 -20.96
CA LEU A 232 -7.30 2.23 -22.22
C LEU A 232 -7.78 1.38 -23.39
N GLY A 233 -8.32 0.21 -23.09
CA GLY A 233 -8.70 -0.75 -24.11
C GLY A 233 -7.88 -2.03 -24.01
N THR A 234 -8.16 -2.98 -24.89
CA THR A 234 -7.42 -4.24 -24.91
C THR A 234 -6.90 -4.58 -26.29
N GLY A 235 -5.84 -5.38 -26.33
CA GLY A 235 -5.28 -5.83 -27.60
C GLY A 235 -4.67 -4.68 -28.38
N PRO A 236 -5.00 -4.59 -29.68
CA PRO A 236 -4.49 -3.56 -30.59
C PRO A 236 -5.20 -2.22 -30.46
N GLY A 237 -6.41 -2.24 -29.91
CA GLY A 237 -7.23 -1.03 -29.83
C GLY A 237 -7.01 -0.21 -28.57
N VAL A 238 -5.91 -0.46 -27.87
CA VAL A 238 -5.63 0.27 -26.65
C VAL A 238 -5.11 1.68 -26.98
N GLY A 239 -5.87 2.69 -26.57
CA GLY A 239 -5.53 4.08 -26.83
C GLY A 239 -6.39 4.72 -27.91
N LYS A 240 -7.08 3.88 -28.68
CA LYS A 240 -7.83 4.32 -29.86
C LYS A 240 -9.03 5.21 -29.53
N ASP A 241 -9.54 5.09 -28.31
CA ASP A 241 -10.68 5.90 -27.89
C ASP A 241 -10.28 7.30 -27.46
N GLY A 242 -8.97 7.51 -27.27
CA GLY A 242 -8.47 8.81 -26.85
C GLY A 242 -8.80 9.10 -25.40
N LEU A 243 -9.09 8.06 -24.63
CA LEU A 243 -9.50 8.20 -23.23
C LEU A 243 -8.72 7.28 -22.29
N LEU A 244 -8.44 7.79 -21.09
CA LEU A 244 -7.98 6.95 -19.99
C LEU A 244 -9.06 6.86 -18.92
N GLY A 245 -9.49 5.64 -18.62
CA GLY A 245 -10.39 5.40 -17.51
C GLY A 245 -9.60 5.02 -16.27
N ILE A 246 -10.02 5.54 -15.12
CA ILE A 246 -9.42 5.20 -13.83
C ILE A 246 -10.57 4.84 -12.90
N SER A 247 -10.52 3.68 -12.26
N SER A 247 -10.49 3.69 -12.26
CA SER A 247 -11.62 3.29 -11.39
CA SER A 247 -11.59 3.19 -11.44
C SER A 247 -11.19 2.48 -10.19
C SER A 247 -11.11 2.58 -10.13
N GLY A 248 -12.00 2.56 -9.14
CA GLY A 248 -11.73 1.91 -7.87
C GLY A 248 -12.62 2.56 -6.84
N ASN A 249 -12.88 1.86 -5.73
CA ASN A 249 -13.60 2.46 -4.60
C ASN A 249 -15.01 2.98 -4.90
N GLY A 250 -15.66 2.46 -5.93
CA GLY A 250 -16.96 3.01 -6.32
C GLY A 250 -16.86 4.38 -7.01
N LYS A 251 -15.69 4.70 -7.54
CA LYS A 251 -15.48 5.94 -8.26
C LYS A 251 -14.85 5.65 -9.63
N ARG A 252 -15.39 6.24 -10.70
CA ARG A 252 -14.80 6.05 -12.03
C ARG A 252 -14.73 7.36 -12.82
N SER A 253 -13.59 7.60 -13.45
CA SER A 253 -13.36 8.83 -14.20
C SER A 253 -12.74 8.56 -15.55
N THR A 254 -12.94 9.48 -16.49
CA THR A 254 -12.23 9.42 -17.76
C THR A 254 -11.47 10.72 -17.98
N THR A 255 -10.29 10.57 -18.56
CA THR A 255 -9.44 11.70 -18.88
C THR A 255 -9.09 11.65 -20.36
N ARG A 256 -9.36 12.73 -21.09
CA ARG A 256 -9.01 12.82 -22.50
C ARG A 256 -7.50 12.82 -22.63
N LEU A 257 -6.97 11.95 -23.48
CA LEU A 257 -5.52 11.83 -23.67
C LEU A 257 -4.97 13.03 -24.45
N LEU A 258 -3.71 13.37 -24.25
CA LEU A 258 -3.08 14.39 -25.07
C LEU A 258 -2.68 13.79 -26.41
N ASP A 259 -3.10 14.41 -27.51
N ASP A 259 -3.07 14.44 -27.50
CA ASP A 259 -2.72 13.90 -28.82
CA ASP A 259 -2.73 13.95 -28.82
C ASP A 259 -1.50 14.65 -29.31
C ASP A 259 -1.49 14.68 -29.30
N ALA A 260 -0.39 14.46 -28.61
CA ALA A 260 0.85 15.18 -28.89
C ALA A 260 2.05 14.25 -28.79
N GLU A 261 3.02 14.48 -29.67
CA GLU A 261 4.25 13.69 -29.71
C GLU A 261 5.13 14.03 -28.49
N PHE A 262 5.67 12.98 -27.86
CA PHE A 262 6.54 13.16 -26.70
C PHE A 262 8.00 13.02 -27.15
N PRO A 263 8.92 13.74 -26.47
CA PRO A 263 10.34 13.61 -26.86
C PRO A 263 10.86 12.21 -26.58
N LYS A 264 11.83 11.79 -27.39
CA LYS A 264 12.51 10.50 -27.18
C LYS A 264 13.49 10.61 -26.03
N PHE A 265 13.06 10.22 -24.84
CA PHE A 265 13.81 10.49 -23.61
C PHE A 265 14.88 9.43 -23.28
N ARG A 266 14.69 8.21 -23.77
CA ARG A 266 15.58 7.12 -23.35
C ARG A 266 17.04 7.34 -23.72
N GLN A 267 17.28 7.96 -24.86
CA GLN A 267 18.65 8.21 -25.32
C GLN A 267 19.42 9.17 -24.39
N LEU A 268 18.71 9.79 -23.46
CA LEU A 268 19.33 10.73 -22.53
C LEU A 268 19.92 10.05 -21.30
N LEU A 269 19.54 8.79 -21.08
CA LEU A 269 19.95 8.10 -19.85
C LEU A 269 21.36 7.57 -20.02
N PRO A 270 22.32 8.17 -19.30
CA PRO A 270 23.71 7.73 -19.52
C PRO A 270 23.92 6.31 -19.01
N THR A 271 24.82 5.58 -19.66
CA THR A 271 25.10 4.20 -19.31
C THR A 271 26.41 4.08 -18.54
N GLU A 272 27.17 5.17 -18.50
CA GLU A 272 28.37 5.19 -17.69
C GLU A 272 28.68 6.60 -17.19
N HIS A 273 29.48 6.69 -16.14
CA HIS A 273 29.72 7.96 -15.46
C HIS A 273 31.21 8.15 -15.22
N THR A 274 31.67 9.40 -15.24
CA THR A 274 33.05 9.69 -14.86
C THR A 274 33.20 9.82 -13.34
N ALA A 275 32.09 10.05 -12.64
CA ALA A 275 32.11 10.07 -11.19
C ALA A 275 30.77 9.59 -10.64
N VAL A 276 30.82 8.92 -9.50
CA VAL A 276 29.60 8.45 -8.84
C VAL A 276 29.70 8.82 -7.36
N ALA A 277 28.59 9.28 -6.81
CA ALA A 277 28.56 9.75 -5.42
C ALA A 277 27.31 9.23 -4.72
N THR A 278 27.48 8.69 -3.53
N THR A 278 27.48 8.67 -3.53
CA THR A 278 26.33 8.28 -2.73
CA THR A 278 26.32 8.29 -2.73
C THR A 278 26.28 9.04 -1.40
C THR A 278 26.28 9.09 -1.44
N MET A 279 25.10 9.54 -1.06
CA MET A 279 24.92 10.42 0.10
C MET A 279 23.65 10.09 0.85
N ASP A 280 23.51 10.62 2.06
CA ASP A 280 22.29 10.47 2.83
C ASP A 280 21.25 11.48 2.34
N VAL A 281 20.07 11.01 1.95
CA VAL A 281 19.05 11.89 1.37
C VAL A 281 18.53 12.93 2.36
N ALA A 282 18.14 12.51 3.56
CA ALA A 282 17.54 13.43 4.51
C ALA A 282 18.51 14.56 4.88
N GLU A 283 19.78 14.20 5.06
CA GLU A 283 20.80 15.16 5.45
C GLU A 283 21.08 16.14 4.32
N LEU A 284 21.14 15.64 3.10
CA LEU A 284 21.37 16.52 1.96
C LEU A 284 20.19 17.48 1.74
N ILE A 285 18.97 16.97 1.84
CA ILE A 285 17.79 17.83 1.70
C ILE A 285 17.81 18.93 2.75
N GLU A 286 18.18 18.59 3.99
CA GLU A 286 18.23 19.59 5.06
C GLU A 286 19.30 20.64 4.77
N ALA A 287 20.45 20.18 4.30
CA ALA A 287 21.55 21.11 4.06
C ALA A 287 21.23 22.06 2.89
N ILE A 288 20.60 21.53 1.85
CA ILE A 288 20.18 22.36 0.72
C ILE A 288 19.21 23.46 1.16
N LYS A 289 18.22 23.09 1.98
CA LYS A 289 17.27 24.06 2.52
CA LYS A 289 17.26 24.04 2.53
C LYS A 289 17.95 25.21 3.23
N LEU A 290 19.05 24.91 3.92
N LEU A 290 18.90 24.91 4.11
CA LEU A 290 19.77 25.90 4.70
CA LEU A 290 19.62 25.97 4.83
C LEU A 290 20.63 26.81 3.83
C LEU A 290 20.47 26.82 3.88
N VAL A 291 21.49 26.23 3.00
N VAL A 291 21.32 26.16 3.11
CA VAL A 291 22.36 27.07 2.18
CA VAL A 291 22.26 26.86 2.25
C VAL A 291 21.53 27.83 1.14
C VAL A 291 21.53 27.76 1.23
N ALA A 292 20.39 27.28 0.71
CA ALA A 292 19.60 28.01 -0.30
C ALA A 292 18.96 29.29 0.24
N LEU A 293 18.99 29.49 1.55
CA LEU A 293 18.43 30.72 2.14
C LEU A 293 19.09 31.98 1.59
N VAL A 294 20.35 31.86 1.13
CA VAL A 294 21.03 33.03 0.59
C VAL A 294 21.05 33.03 -0.95
N ALA A 295 20.40 32.05 -1.56
CA ALA A 295 20.40 31.91 -3.02
C ALA A 295 19.12 32.37 -3.75
N ASP A 296 18.41 33.38 -3.23
CA ASP A 296 17.16 33.80 -3.89
C ASP A 296 17.39 34.38 -5.28
N ARG A 297 18.49 35.13 -5.42
CA ARG A 297 18.81 35.78 -6.70
C ARG A 297 19.47 34.81 -7.67
N GLY A 298 20.42 34.04 -7.16
CA GLY A 298 21.18 33.11 -7.99
C GLY A 298 20.40 31.91 -8.46
N ALA A 299 19.44 31.47 -7.64
CA ALA A 299 18.64 30.28 -7.90
C ALA A 299 19.52 29.09 -8.21
N GLN A 300 20.64 29.00 -7.51
CA GLN A 300 21.48 27.82 -7.62
C GLN A 300 22.19 27.52 -6.31
N VAL A 301 22.51 26.25 -6.13
CA VAL A 301 23.46 25.85 -5.09
C VAL A 301 24.59 25.13 -5.80
N ARG A 302 25.78 25.17 -5.23
CA ARG A 302 26.96 24.59 -5.90
C ARG A 302 27.50 23.44 -5.07
N MET A 303 28.12 22.47 -5.73
CA MET A 303 28.65 21.29 -5.04
C MET A 303 30.05 21.00 -5.55
N GLU A 304 31.02 20.94 -4.65
CA GLU A 304 32.40 20.64 -5.01
C GLU A 304 32.73 19.29 -4.42
N PHE A 305 32.70 18.28 -5.28
CA PHE A 305 32.94 16.88 -4.91
C PHE A 305 34.41 16.51 -5.01
N ALA A 306 34.90 15.78 -4.02
CA ALA A 306 36.16 15.07 -4.12
C ALA A 306 36.08 13.92 -3.13
N ASP A 307 37.17 13.19 -2.94
CA ASP A 307 37.13 11.98 -2.11
C ASP A 307 36.62 12.31 -0.70
N GLY A 308 35.61 11.57 -0.26
CA GLY A 308 35.15 11.65 1.12
C GLY A 308 34.16 12.76 1.49
N SER A 309 34.13 13.82 0.71
CA SER A 309 33.40 15.01 1.16
C SER A 309 32.91 15.85 0.00
N VAL A 310 31.82 16.58 0.22
CA VAL A 310 31.37 17.56 -0.74
C VAL A 310 31.10 18.90 -0.05
N ARG A 311 31.56 19.99 -0.67
CA ARG A 311 31.22 21.32 -0.18
C ARG A 311 29.98 21.79 -0.89
N LEU A 312 28.91 21.97 -0.13
CA LEU A 312 27.66 22.52 -0.64
C LEU A 312 27.59 23.99 -0.31
N SER A 313 27.38 24.85 -1.29
CA SER A 313 27.40 26.27 -1.00
C SER A 313 26.46 27.07 -1.89
N ALA A 314 26.25 28.34 -1.53
CA ALA A 314 25.40 29.23 -2.30
C ALA A 314 25.66 30.67 -1.93
N GLY A 315 25.04 31.59 -2.68
CA GLY A 315 25.09 33.01 -2.38
C GLY A 315 26.18 33.73 -3.13
N ALA A 316 26.48 34.94 -2.68
CA ALA A 316 27.46 35.81 -3.31
C ALA A 316 27.89 36.85 -2.28
N ASP A 317 28.99 37.56 -2.52
CA ASP A 317 29.51 38.51 -1.54
C ASP A 317 28.45 39.55 -1.15
N ASP A 318 27.76 40.08 -2.15
CA ASP A 318 26.85 41.20 -1.88
C ASP A 318 25.55 40.80 -1.17
N VAL A 319 25.11 39.55 -1.31
CA VAL A 319 23.84 39.13 -0.72
C VAL A 319 24.02 38.22 0.50
N GLY A 320 25.19 37.61 0.63
CA GLY A 320 25.42 36.68 1.73
C GLY A 320 25.75 35.29 1.22
N ARG A 321 26.57 34.57 1.97
CA ARG A 321 27.03 33.27 1.55
C ARG A 321 26.71 32.22 2.59
N ALA A 322 26.63 30.97 2.15
CA ALA A 322 26.38 29.85 3.04
C ALA A 322 27.10 28.63 2.51
N GLU A 323 27.58 27.77 3.41
CA GLU A 323 28.27 26.55 3.03
C GLU A 323 28.08 25.47 4.08
N GLU A 324 28.06 24.21 3.64
CA GLU A 324 28.13 23.07 4.54
C GLU A 324 28.91 21.96 3.86
N ASP A 325 29.81 21.31 4.60
CA ASP A 325 30.50 20.12 4.09
C ASP A 325 29.71 18.88 4.49
N LEU A 326 29.49 17.98 3.53
CA LEU A 326 28.76 16.74 3.82
C LEU A 326 29.60 15.51 3.44
N VAL A 327 29.42 14.43 4.19
N VAL A 327 29.45 14.43 4.19
CA VAL A 327 30.07 13.16 3.88
CA VAL A 327 30.18 13.21 3.89
C VAL A 327 29.53 12.62 2.54
C VAL A 327 29.59 12.54 2.65
N VAL A 328 30.43 12.10 1.72
N VAL A 328 30.47 12.07 1.77
CA VAL A 328 30.09 11.43 0.46
CA VAL A 328 30.05 11.36 0.57
C VAL A 328 30.94 10.20 0.27
C VAL A 328 30.91 10.12 0.36
N ASP A 329 30.32 9.13 -0.20
N ASP A 329 30.33 9.12 -0.28
CA ASP A 329 31.04 8.01 -0.76
CA ASP A 329 31.08 7.98 -0.77
C ASP A 329 31.26 8.33 -2.23
C ASP A 329 31.30 8.19 -2.25
N TYR A 330 32.49 8.69 -2.58
CA TYR A 330 32.78 9.19 -3.91
C TYR A 330 33.75 8.29 -4.67
N ALA A 331 33.59 8.24 -5.98
CA ALA A 331 34.55 7.55 -6.84
C ALA A 331 34.63 8.27 -8.19
N GLY A 332 35.82 8.37 -8.76
CA GLY A 332 35.98 9.01 -10.05
C GLY A 332 36.58 10.40 -9.96
N GLU A 333 36.43 11.18 -11.02
CA GLU A 333 37.01 12.52 -11.08
C GLU A 333 36.29 13.53 -10.19
N PRO A 334 37.06 14.31 -9.42
CA PRO A 334 36.42 15.41 -8.69
C PRO A 334 35.63 16.30 -9.65
N LEU A 335 34.62 16.96 -9.13
CA LEU A 335 33.71 17.69 -9.96
C LEU A 335 33.11 18.88 -9.21
N THR A 336 33.08 20.03 -9.86
CA THR A 336 32.31 21.17 -9.36
C THR A 336 31.09 21.33 -10.26
N ILE A 337 29.89 21.31 -9.68
CA ILE A 337 28.67 21.35 -10.47
C ILE A 337 27.59 22.13 -9.70
N ALA A 338 26.70 22.79 -10.43
CA ALA A 338 25.66 23.61 -9.78
C ALA A 338 24.27 23.15 -10.17
N PHE A 339 23.31 23.34 -9.27
CA PHE A 339 21.92 22.94 -9.53
C PHE A 339 20.94 23.98 -9.03
N ASN A 340 19.78 24.04 -9.67
CA ASN A 340 18.62 24.68 -9.09
C ASN A 340 18.22 23.90 -7.82
N PRO A 341 18.18 24.57 -6.65
CA PRO A 341 17.98 23.83 -5.39
C PRO A 341 16.58 23.21 -5.28
N THR A 342 15.57 23.86 -5.83
CA THR A 342 14.22 23.30 -5.84
C THR A 342 14.17 22.03 -6.72
N TYR A 343 14.76 22.09 -7.92
CA TYR A 343 14.76 20.90 -8.79
C TYR A 343 15.55 19.77 -8.11
N LEU A 344 16.61 20.12 -7.40
CA LEU A 344 17.42 19.11 -6.73
C LEU A 344 16.65 18.46 -5.56
N THR A 345 16.01 19.26 -4.71
N THR A 345 16.03 19.30 -4.73
CA THR A 345 15.29 18.64 -3.59
CA THR A 345 15.24 18.81 -3.61
C THR A 345 13.98 17.97 -4.06
C THR A 345 14.09 17.94 -4.11
N ASP A 346 13.44 18.39 -5.20
CA ASP A 346 12.33 17.65 -5.80
C ASP A 346 12.75 16.23 -6.17
N GLY A 347 13.92 16.10 -6.78
CA GLY A 347 14.43 14.80 -7.17
C GLY A 347 14.77 13.95 -5.96
N LEU A 348 15.48 14.54 -4.99
CA LEU A 348 15.81 13.82 -3.76
C LEU A 348 14.56 13.32 -3.03
N SER A 349 13.53 14.16 -3.01
CA SER A 349 12.25 13.80 -2.38
C SER A 349 11.49 12.72 -3.13
N SER A 350 11.86 12.49 -4.38
N SER A 350 11.86 12.48 -4.38
CA SER A 350 11.16 11.53 -5.22
CA SER A 350 11.14 11.52 -5.21
C SER A 350 11.72 10.12 -5.11
C SER A 350 11.74 10.12 -5.14
N LEU A 351 12.92 10.01 -4.54
CA LEU A 351 13.63 8.74 -4.49
C LEU A 351 12.98 7.72 -3.57
N ARG A 352 12.44 8.21 -2.46
CA ARG A 352 11.78 7.36 -1.46
C ARG A 352 12.76 6.30 -0.92
N SER A 353 14.02 6.68 -0.77
CA SER A 353 15.06 5.79 -0.24
C SER A 353 15.92 6.55 0.78
N GLU A 354 16.63 5.81 1.64
CA GLU A 354 17.49 6.44 2.65
C GLU A 354 18.64 7.20 1.98
N ARG A 355 19.17 6.64 0.89
CA ARG A 355 20.36 7.20 0.25
C ARG A 355 20.11 7.49 -1.22
N VAL A 356 21.01 8.25 -1.82
CA VAL A 356 20.93 8.65 -3.22
C VAL A 356 22.24 8.32 -3.90
N SER A 357 22.18 7.80 -5.13
CA SER A 357 23.38 7.76 -5.97
C SER A 357 23.27 8.82 -7.05
N PHE A 358 24.31 9.64 -7.17
CA PHE A 358 24.49 10.61 -8.25
C PHE A 358 25.45 10.01 -9.30
N GLY A 359 25.07 10.05 -10.57
CA GLY A 359 25.96 9.65 -11.63
C GLY A 359 26.29 10.85 -12.51
N PHE A 360 27.56 11.23 -12.56
CA PHE A 360 28.00 12.45 -13.24
C PHE A 360 28.84 12.17 -14.48
N THR A 361 28.82 13.09 -15.44
CA THR A 361 29.91 13.19 -16.41
C THR A 361 30.57 14.57 -16.25
N THR A 362 30.06 15.60 -16.91
CA THR A 362 30.67 16.92 -16.78
C THR A 362 29.74 17.90 -16.09
N ALA A 363 30.25 19.08 -15.76
CA ALA A 363 29.46 20.10 -15.05
C ALA A 363 28.37 20.70 -15.92
N GLY A 364 28.43 20.44 -17.22
CA GLY A 364 27.42 20.94 -18.14
C GLY A 364 26.49 19.89 -18.70
N LYS A 365 26.52 18.70 -18.11
CA LYS A 365 25.72 17.59 -18.60
C LYS A 365 24.88 17.01 -17.45
N PRO A 366 23.76 16.33 -17.79
CA PRO A 366 22.80 15.87 -16.76
C PRO A 366 23.42 15.01 -15.66
N ALA A 367 22.89 15.13 -14.44
CA ALA A 367 23.21 14.23 -13.34
C ALA A 367 22.09 13.19 -13.16
N LEU A 368 22.47 11.92 -13.03
CA LEU A 368 21.49 10.84 -12.86
C LEU A 368 21.39 10.54 -11.37
N LEU A 369 20.20 10.80 -10.81
CA LEU A 369 19.88 10.47 -9.42
C LEU A 369 19.09 9.18 -9.41
N ARG A 370 19.49 8.23 -8.57
CA ARG A 370 18.71 7.03 -8.40
C ARG A 370 18.66 6.66 -6.92
N PRO A 371 17.63 5.88 -6.52
CA PRO A 371 17.51 5.47 -5.11
C PRO A 371 18.52 4.40 -4.71
N VAL A 372 19.08 4.50 -3.51
N VAL A 372 19.05 4.53 -3.49
CA VAL A 372 19.88 3.41 -2.97
CA VAL A 372 19.95 3.56 -2.88
C VAL A 372 19.54 3.21 -1.50
C VAL A 372 19.43 3.23 -1.47
N SER A 373 19.35 1.96 -1.11
CA SER A 373 18.97 1.62 0.25
CA SER A 373 18.96 1.60 0.25
C SER A 373 20.11 1.86 1.24
N GLY A 374 19.77 1.87 2.52
CA GLY A 374 20.78 2.04 3.55
C GLY A 374 21.62 0.79 3.76
N ASP A 375 21.18 -0.34 3.19
CA ASP A 375 21.91 -1.61 3.33
C ASP A 375 22.80 -1.90 2.12
N ASP A 376 22.86 -0.94 1.18
CA ASP A 376 23.67 -1.11 -0.04
C ASP A 376 24.86 -0.15 -0.06
N ARG A 377 25.90 -0.51 -0.79
CA ARG A 377 27.09 0.31 -0.91
C ARG A 377 27.74 0.17 -2.29
N PRO A 378 27.17 0.85 -3.31
CA PRO A 378 27.68 0.79 -4.69
C PRO A 378 29.10 1.36 -4.81
N LEU A 382 34.04 0.88 -4.58
CA LEU A 382 34.36 0.82 -6.00
C LEU A 382 35.87 0.93 -6.24
N ASN A 383 36.34 0.31 -7.32
CA ASN A 383 37.75 0.27 -7.64
C ASN A 383 38.11 1.08 -8.89
N GLY A 384 39.31 1.66 -8.87
CA GLY A 384 39.84 2.32 -10.05
C GLY A 384 39.46 3.79 -10.20
N ASN A 385 39.85 4.36 -11.33
CA ASN A 385 39.62 5.77 -11.62
C ASN A 385 38.32 6.03 -12.38
N GLY A 386 37.72 4.97 -12.94
CA GLY A 386 36.53 5.09 -13.75
C GLY A 386 36.82 4.82 -15.21
N PRO A 387 35.79 4.89 -16.08
CA PRO A 387 34.40 5.24 -15.79
C PRO A 387 33.63 4.10 -15.13
N PHE A 388 32.48 4.42 -14.57
CA PHE A 388 31.69 3.43 -13.86
C PHE A 388 30.36 3.22 -14.54
N PRO A 389 29.98 1.96 -14.76
CA PRO A 389 28.71 1.69 -15.44
C PRO A 389 27.52 2.13 -14.60
N ALA A 390 26.42 2.48 -15.25
CA ALA A 390 25.21 2.86 -14.55
C ALA A 390 24.54 1.61 -13.98
N VAL A 391 24.13 1.68 -12.73
CA VAL A 391 23.49 0.54 -12.07
C VAL A 391 22.01 0.53 -12.40
N SER A 392 21.52 -0.64 -12.83
CA SER A 392 20.10 -0.78 -13.18
C SER A 392 19.20 -0.36 -12.01
N THR A 393 18.10 0.30 -12.34
CA THR A 393 17.23 0.92 -11.35
C THR A 393 15.81 0.99 -11.91
N ASP A 394 14.79 0.97 -11.04
CA ASP A 394 13.41 1.12 -11.50
C ASP A 394 12.96 2.58 -11.46
N TYR A 395 13.80 3.45 -10.92
CA TYR A 395 13.48 4.86 -10.94
C TYR A 395 14.72 5.70 -11.19
N VAL A 396 14.61 6.70 -12.05
N VAL A 396 14.58 6.72 -12.03
CA VAL A 396 15.65 7.70 -12.22
CA VAL A 396 15.63 7.68 -12.36
C VAL A 396 15.06 9.08 -12.22
C VAL A 396 15.10 9.11 -12.35
N TYR A 397 15.85 10.04 -11.76
CA TYR A 397 15.52 11.45 -11.87
C TYR A 397 16.79 12.07 -12.47
N LEU A 398 16.66 12.50 -13.72
CA LEU A 398 17.79 13.03 -14.49
C LEU A 398 17.67 14.55 -14.47
N LEU A 399 18.68 15.21 -13.90
CA LEU A 399 18.59 16.65 -13.63
C LEU A 399 19.70 17.41 -14.36
N MET A 400 19.32 18.41 -15.17
CA MET A 400 20.32 19.27 -15.81
C MET A 400 20.94 20.19 -14.79
N PRO A 401 22.28 20.37 -14.84
CA PRO A 401 22.94 21.37 -14.00
C PRO A 401 22.70 22.79 -14.54
N VAL A 402 23.07 23.81 -13.77
CA VAL A 402 23.10 25.17 -14.32
C VAL A 402 24.56 25.63 -14.40
N ARG A 403 24.81 26.65 -15.22
CA ARG A 403 26.16 27.20 -15.36
C ARG A 403 26.66 27.81 -14.05
N LEU A 404 27.92 27.54 -13.74
CA LEU A 404 28.58 28.14 -12.58
C LEU A 404 28.89 29.61 -12.84
N PRO A 405 29.05 30.41 -11.76
CA PRO A 405 29.37 31.82 -11.96
C PRO A 405 30.78 32.04 -12.52
N GLY A 406 31.03 33.23 -13.05
CA GLY A 406 32.32 33.57 -13.62
C GLY A 406 32.45 33.05 -15.04
N LEU B 14 -30.75 4.74 30.93
CA LEU B 14 -31.69 5.86 31.02
C LEU B 14 -32.65 5.87 29.83
N THR B 15 -32.10 5.81 28.63
CA THR B 15 -32.90 5.74 27.42
C THR B 15 -32.56 4.49 26.61
N ASP B 16 -33.50 4.04 25.79
CA ASP B 16 -33.32 2.87 24.96
C ASP B 16 -32.70 3.21 23.61
N LEU B 17 -31.80 2.36 23.13
CA LEU B 17 -31.13 2.60 21.86
C LEU B 17 -32.08 2.41 20.68
N THR B 18 -32.09 3.39 19.78
CA THR B 18 -32.78 3.27 18.51
C THR B 18 -31.89 3.89 17.45
N PHE B 19 -31.53 3.10 16.43
CA PHE B 19 -30.71 3.66 15.37
C PHE B 19 -31.06 3.09 14.01
N ARG B 20 -30.44 3.67 13.00
CA ARG B 20 -30.79 3.37 11.64
C ARG B 20 -29.55 3.52 10.77
N LEU B 21 -29.22 2.53 9.95
CA LEU B 21 -28.11 2.70 9.02
C LEU B 21 -28.17 1.67 7.92
N LEU B 22 -27.42 1.91 6.85
CA LEU B 22 -27.41 1.01 5.70
C LEU B 22 -26.81 -0.34 6.08
N ARG B 23 -27.32 -1.39 5.46
CA ARG B 23 -26.89 -2.74 5.82
C ARG B 23 -25.40 -2.98 5.62
N GLU B 24 -24.83 -2.52 4.51
CA GLU B 24 -23.43 -2.87 4.21
C GLU B 24 -22.48 -2.38 5.32
N SER B 25 -22.72 -1.15 5.78
CA SER B 25 -21.91 -0.57 6.85
C SER B 25 -22.08 -1.37 8.16
N PHE B 26 -23.32 -1.67 8.50
CA PHE B 26 -23.66 -2.44 9.69
C PHE B 26 -22.97 -3.80 9.63
N ALA B 27 -23.13 -4.47 8.48
CA ALA B 27 -22.56 -5.79 8.28
C ALA B 27 -21.02 -5.80 8.35
N ASP B 28 -20.40 -4.78 7.79
N ASP B 28 -20.39 -4.78 7.77
CA ASP B 28 -18.93 -4.70 7.78
CA ASP B 28 -18.93 -4.70 7.81
C ASP B 28 -18.38 -4.49 9.21
C ASP B 28 -18.44 -4.59 9.25
N ALA B 29 -19.09 -3.71 10.01
CA ALA B 29 -18.70 -3.49 11.40
C ALA B 29 -18.83 -4.77 12.22
N VAL B 30 -19.95 -5.46 12.06
CA VAL B 30 -20.14 -6.73 12.75
C VAL B 30 -19.10 -7.76 12.27
N SER B 31 -18.81 -7.75 10.98
CA SER B 31 -17.82 -8.67 10.42
C SER B 31 -16.44 -8.45 11.05
N TRP B 32 -16.06 -7.20 11.30
CA TRP B 32 -14.76 -6.90 11.92
C TRP B 32 -14.64 -7.64 13.24
N VAL B 33 -15.69 -7.55 14.06
CA VAL B 33 -15.67 -8.23 15.34
C VAL B 33 -15.66 -9.76 15.17
N ALA B 34 -16.50 -10.28 14.29
CA ALA B 34 -16.60 -11.73 14.10
C ALA B 34 -15.27 -12.35 13.63
N LYS B 35 -14.59 -11.69 12.70
CA LYS B 35 -13.32 -12.19 12.16
C LYS B 35 -12.20 -12.19 13.20
N ASN B 36 -12.25 -11.22 14.12
CA ASN B 36 -11.24 -11.13 15.18
C ASN B 36 -11.56 -11.99 16.40
N LEU B 37 -12.79 -12.47 16.47
CA LEU B 37 -13.20 -13.38 17.55
C LEU B 37 -13.99 -14.55 16.96
N PRO B 38 -13.31 -15.37 16.13
CA PRO B 38 -14.07 -16.39 15.41
C PRO B 38 -14.60 -17.53 16.30
N ALA B 39 -13.91 -17.84 17.39
CA ALA B 39 -14.29 -18.98 18.23
C ALA B 39 -15.45 -18.63 19.17
N ARG B 40 -16.03 -19.64 19.81
CA ARG B 40 -17.09 -19.40 20.77
C ARG B 40 -16.65 -19.77 22.20
N PRO B 41 -16.52 -18.76 23.07
CA PRO B 41 -16.08 -18.95 24.47
C PRO B 41 -17.05 -19.80 25.28
N ALA B 42 -16.58 -20.35 26.39
CA ALA B 42 -17.43 -21.15 27.27
C ALA B 42 -18.47 -20.30 27.98
N VAL B 43 -18.07 -19.10 28.38
CA VAL B 43 -18.96 -18.16 29.06
C VAL B 43 -19.91 -17.54 28.04
N PRO B 44 -21.23 -17.81 28.20
CA PRO B 44 -22.30 -17.37 27.29
C PRO B 44 -22.33 -15.86 26.99
N VAL B 45 -22.21 -15.03 28.03
CA VAL B 45 -22.36 -13.58 27.85
C VAL B 45 -21.25 -13.03 26.94
N LEU B 46 -20.11 -13.72 26.92
CA LEU B 46 -18.96 -13.34 26.10
C LEU B 46 -19.20 -13.52 24.61
N SER B 47 -20.31 -14.18 24.26
CA SER B 47 -20.65 -14.32 22.85
CA SER B 47 -20.72 -14.36 22.87
C SER B 47 -21.56 -13.17 22.40
N GLY B 48 -21.89 -12.28 23.33
CA GLY B 48 -22.66 -11.11 22.99
C GLY B 48 -21.83 -10.09 22.22
N VAL B 49 -22.52 -9.22 21.47
N VAL B 49 -22.50 -9.28 21.41
CA VAL B 49 -21.86 -8.10 20.82
CA VAL B 49 -21.86 -8.08 20.86
C VAL B 49 -22.53 -6.82 21.29
C VAL B 49 -22.52 -6.89 21.50
N LEU B 50 -21.72 -5.88 21.79
CA LEU B 50 -22.25 -4.69 22.42
C LEU B 50 -22.46 -3.58 21.39
N LEU B 51 -23.69 -3.09 21.28
CA LEU B 51 -24.02 -1.98 20.40
C LEU B 51 -24.22 -0.71 21.20
N THR B 52 -23.48 0.35 20.88
CA THR B 52 -23.62 1.60 21.60
C THR B 52 -23.80 2.76 20.64
N GLY B 53 -24.90 3.50 20.81
CA GLY B 53 -25.25 4.59 19.92
C GLY B 53 -25.26 5.92 20.63
N SER B 54 -24.55 6.90 20.09
CA SER B 54 -24.59 8.24 20.66
C SER B 54 -24.20 9.25 19.61
N ASP B 55 -24.82 10.43 19.71
CA ASP B 55 -24.60 11.52 18.77
C ASP B 55 -24.91 11.06 17.35
N ASN B 56 -23.86 10.79 16.59
CA ASN B 56 -23.99 10.42 15.20
C ASN B 56 -23.21 9.15 14.86
N GLY B 57 -22.96 8.33 15.89
CA GLY B 57 -22.09 7.19 15.71
C GLY B 57 -22.56 5.95 16.45
N LEU B 58 -22.21 4.80 15.87
CA LEU B 58 -22.51 3.50 16.43
C LEU B 58 -21.20 2.77 16.66
N THR B 59 -21.04 2.20 17.86
N THR B 59 -20.99 2.25 17.87
CA THR B 59 -19.89 1.39 18.17
CA THR B 59 -19.83 1.37 18.08
C THR B 59 -20.31 -0.08 18.31
C THR B 59 -20.32 -0.06 18.26
N ILE B 60 -19.58 -0.98 17.66
CA ILE B 60 -19.89 -2.39 17.72
C ILE B 60 -18.69 -3.14 18.26
N SER B 61 -18.84 -3.82 19.40
CA SER B 61 -17.69 -4.47 20.01
C SER B 61 -17.93 -5.85 20.61
N GLY B 62 -16.83 -6.58 20.77
CA GLY B 62 -16.84 -7.89 21.43
C GLY B 62 -15.53 -8.07 22.18
N PHE B 63 -15.53 -8.99 23.14
CA PHE B 63 -14.39 -9.16 24.03
C PHE B 63 -14.48 -10.55 24.60
N ASP B 64 -13.34 -11.24 24.77
CA ASP B 64 -13.36 -12.55 25.40
C ASP B 64 -12.25 -12.72 26.44
N TYR B 65 -11.80 -11.59 26.99
CA TYR B 65 -10.71 -11.54 27.99
C TYR B 65 -9.32 -11.61 27.38
N GLU B 66 -9.23 -12.17 26.16
CA GLU B 66 -7.94 -12.26 25.48
CA GLU B 66 -7.94 -12.26 25.49
C GLU B 66 -7.85 -11.26 24.32
N VAL B 67 -8.87 -11.26 23.47
CA VAL B 67 -8.95 -10.30 22.36
C VAL B 67 -10.23 -9.46 22.51
N SER B 68 -10.10 -8.16 22.31
CA SER B 68 -11.25 -7.28 22.14
C SER B 68 -11.21 -6.75 20.72
N ALA B 69 -12.36 -6.41 20.17
CA ALA B 69 -12.41 -5.86 18.83
C ALA B 69 -13.59 -4.92 18.78
N GLU B 70 -13.38 -3.78 18.15
CA GLU B 70 -14.40 -2.75 18.15
C GLU B 70 -14.38 -2.04 16.79
N ALA B 71 -15.57 -1.82 16.22
CA ALA B 71 -15.66 -0.98 15.03
C ALA B 71 -16.60 0.20 15.30
N GLN B 72 -16.30 1.34 14.69
CA GLN B 72 -17.12 2.52 14.84
C GLN B 72 -17.60 2.96 13.46
N VAL B 73 -18.90 3.20 13.31
CA VAL B 73 -19.45 3.64 12.03
C VAL B 73 -20.45 4.77 12.24
N GLY B 74 -20.58 5.65 11.24
CA GLY B 74 -21.60 6.68 11.32
C GLY B 74 -22.96 6.01 11.33
N ALA B 75 -23.92 6.60 12.01
CA ALA B 75 -25.26 6.04 12.03
C ALA B 75 -26.25 7.12 12.40
N GLU B 76 -27.51 6.91 12.02
CA GLU B 76 -28.56 7.80 12.45
C GLU B 76 -29.00 7.36 13.84
N ILE B 77 -28.64 8.14 14.85
CA ILE B 77 -29.01 7.78 16.22
C ILE B 77 -30.31 8.52 16.58
N VAL B 78 -31.40 7.76 16.61
CA VAL B 78 -32.72 8.29 16.92
C VAL B 78 -32.84 8.49 18.43
N SER B 79 -32.27 7.56 19.17
N SER B 79 -32.28 7.56 19.19
CA SER B 79 -32.22 7.62 20.62
CA SER B 79 -32.21 7.69 20.63
C SER B 79 -30.96 6.91 21.10
C SER B 79 -31.01 6.92 21.14
N PRO B 80 -30.15 7.59 21.94
CA PRO B 80 -28.89 7.02 22.39
C PRO B 80 -29.08 5.87 23.38
N GLY B 81 -28.04 5.06 23.54
CA GLY B 81 -28.08 3.97 24.49
C GLY B 81 -27.18 2.81 24.08
N SER B 82 -27.28 1.72 24.83
CA SER B 82 -26.49 0.53 24.53
C SER B 82 -27.33 -0.74 24.75
N VAL B 83 -26.96 -1.80 24.04
CA VAL B 83 -27.64 -3.07 24.19
C VAL B 83 -26.65 -4.20 23.88
N LEU B 84 -26.83 -5.33 24.54
CA LEU B 84 -26.00 -6.51 24.31
C LEU B 84 -26.85 -7.59 23.62
N VAL B 85 -26.41 -8.08 22.45
N VAL B 85 -26.40 -8.06 22.44
CA VAL B 85 -27.18 -9.09 21.74
CA VAL B 85 -27.16 -9.04 21.67
C VAL B 85 -26.29 -10.19 21.21
C VAL B 85 -26.28 -10.21 21.26
N SER B 86 -26.89 -11.34 20.90
CA SER B 86 -26.16 -12.49 20.38
C SER B 86 -25.26 -12.11 19.21
N GLY B 87 -23.97 -12.37 19.33
CA GLY B 87 -23.03 -12.06 18.26
C GLY B 87 -23.25 -12.96 17.06
N ARG B 88 -23.51 -14.23 17.33
CA ARG B 88 -23.75 -15.22 16.28
C ARG B 88 -24.94 -14.86 15.42
N LEU B 89 -26.06 -14.55 16.07
CA LEU B 89 -27.28 -14.19 15.33
C LEU B 89 -27.12 -12.89 14.59
N LEU B 90 -26.53 -11.88 15.23
CA LEU B 90 -26.39 -10.59 14.58
C LEU B 90 -25.48 -10.70 13.34
N SER B 91 -24.43 -11.51 13.44
CA SER B 91 -23.55 -11.81 12.29
C SER B 91 -24.31 -12.51 11.13
N ASP B 92 -24.99 -13.60 11.45
CA ASP B 92 -25.79 -14.33 10.44
C ASP B 92 -26.80 -13.41 9.77
N ILE B 93 -27.55 -12.67 10.58
CA ILE B 93 -28.57 -11.80 10.04
C ILE B 93 -28.00 -10.67 9.15
N THR B 94 -27.03 -9.90 9.66
CA THR B 94 -26.47 -8.80 8.86
C THR B 94 -25.80 -9.31 7.58
N ARG B 95 -25.20 -10.49 7.61
CA ARG B 95 -24.62 -11.08 6.40
CA ARG B 95 -24.62 -11.06 6.39
C ARG B 95 -25.68 -11.40 5.35
N ALA B 96 -26.85 -11.84 5.79
CA ALA B 96 -27.90 -12.33 4.89
C ALA B 96 -28.83 -11.25 4.35
N LEU B 97 -28.90 -10.10 5.03
CA LEU B 97 -29.89 -9.10 4.67
C LEU B 97 -29.60 -8.46 3.32
N PRO B 98 -30.63 -7.91 2.66
CA PRO B 98 -30.40 -7.19 1.42
C PRO B 98 -29.87 -5.78 1.68
N ASN B 99 -29.39 -5.10 0.65
CA ASN B 99 -28.80 -3.78 0.84
C ASN B 99 -29.85 -2.70 1.00
N LYS B 100 -30.46 -2.68 2.18
CA LYS B 100 -31.51 -1.74 2.52
C LYS B 100 -31.16 -1.12 3.86
N PRO B 101 -31.82 0.00 4.22
CA PRO B 101 -31.65 0.52 5.59
C PRO B 101 -32.03 -0.52 6.65
N VAL B 102 -31.31 -0.53 7.76
CA VAL B 102 -31.62 -1.43 8.86
C VAL B 102 -32.05 -0.61 10.06
N ASP B 103 -33.26 -0.86 10.53
CA ASP B 103 -33.75 -0.22 11.75
C ASP B 103 -33.55 -1.10 12.96
N VAL B 104 -32.98 -0.52 14.01
CA VAL B 104 -32.80 -1.25 15.26
C VAL B 104 -33.42 -0.46 16.41
N HIS B 105 -34.29 -1.11 17.16
CA HIS B 105 -35.03 -0.46 18.25
C HIS B 105 -35.09 -1.36 19.48
N VAL B 106 -34.48 -0.89 20.56
CA VAL B 106 -34.50 -1.66 21.79
C VAL B 106 -35.75 -1.30 22.56
N GLU B 107 -36.50 -2.31 23.00
CA GLU B 107 -37.72 -2.14 23.76
C GLU B 107 -37.82 -3.24 24.80
N GLY B 108 -37.62 -2.88 26.07
CA GLY B 108 -37.71 -3.85 27.14
C GLY B 108 -36.50 -4.74 27.10
N ASN B 109 -36.73 -6.05 27.14
CA ASN B 109 -35.60 -6.96 27.04
C ASN B 109 -35.58 -7.61 25.66
N ARG B 110 -36.06 -6.86 24.66
N ARG B 110 -36.09 -6.91 24.64
CA ARG B 110 -36.07 -7.27 23.27
CA ARG B 110 -35.93 -7.38 23.26
C ARG B 110 -35.32 -6.28 22.39
C ARG B 110 -35.50 -6.24 22.34
N VAL B 111 -34.95 -6.72 21.19
N VAL B 111 -34.80 -6.60 21.28
CA VAL B 111 -34.38 -5.83 20.17
CA VAL B 111 -34.42 -5.63 20.26
C VAL B 111 -35.09 -6.06 18.86
C VAL B 111 -35.05 -5.99 18.92
N ALA B 112 -35.75 -5.03 18.34
CA ALA B 112 -36.40 -5.19 17.04
C ALA B 112 -35.41 -4.80 15.96
N LEU B 113 -35.14 -5.70 15.02
CA LEU B 113 -34.27 -5.36 13.89
C LEU B 113 -35.09 -5.57 12.62
N THR B 114 -35.29 -4.48 11.89
CA THR B 114 -36.16 -4.47 10.72
C THR B 114 -35.35 -4.06 9.49
N CYS B 115 -35.52 -4.83 8.42
CA CYS B 115 -34.88 -4.51 7.16
C CYS B 115 -35.80 -4.87 6.02
N GLY B 116 -36.30 -3.85 5.33
CA GLY B 116 -37.29 -4.06 4.29
C GLY B 116 -38.53 -4.74 4.87
N ASN B 117 -38.92 -5.87 4.29
CA ASN B 117 -40.12 -6.57 4.71
C ASN B 117 -39.88 -7.57 5.84
N ALA B 118 -38.63 -7.68 6.30
CA ALA B 118 -38.31 -8.67 7.32
C ALA B 118 -38.20 -8.03 8.69
N ARG B 119 -38.75 -8.71 9.69
CA ARG B 119 -38.71 -8.22 11.08
C ARG B 119 -38.12 -9.28 11.99
N PHE B 120 -37.08 -8.92 12.73
CA PHE B 120 -36.47 -9.82 13.71
C PHE B 120 -36.72 -9.24 15.10
N SER B 121 -36.85 -10.12 16.09
CA SER B 121 -37.00 -9.70 17.48
C SER B 121 -36.09 -10.59 18.30
N LEU B 122 -34.99 -10.01 18.76
CA LEU B 122 -33.97 -10.76 19.49
C LEU B 122 -34.01 -10.45 20.99
N PRO B 123 -33.74 -11.45 21.83
CA PRO B 123 -33.62 -11.21 23.26
C PRO B 123 -32.34 -10.44 23.58
N THR B 124 -32.42 -9.52 24.53
CA THR B 124 -31.22 -8.81 24.95
C THR B 124 -30.50 -9.66 26.00
N MET B 125 -29.20 -9.45 26.15
CA MET B 125 -28.40 -10.18 27.14
C MET B 125 -28.06 -9.19 28.27
N PRO B 126 -27.85 -9.69 29.49
CA PRO B 126 -27.60 -8.75 30.58
C PRO B 126 -26.15 -8.22 30.60
N VAL B 127 -25.98 -6.93 30.84
CA VAL B 127 -24.63 -6.34 30.91
C VAL B 127 -24.03 -6.38 32.32
N GLU B 128 -24.71 -7.05 33.24
CA GLU B 128 -24.29 -7.08 34.63
C GLU B 128 -22.89 -7.67 34.80
N ASP B 129 -22.63 -8.76 34.10
CA ASP B 129 -21.34 -9.42 34.20
C ASP B 129 -20.58 -9.37 32.88
N TYR B 130 -20.98 -8.46 31.99
CA TYR B 130 -20.27 -8.26 30.71
C TYR B 130 -19.07 -7.35 30.91
N PRO B 131 -17.87 -7.88 30.65
CA PRO B 131 -16.61 -7.18 30.98
C PRO B 131 -16.45 -5.84 30.25
N THR B 132 -15.85 -4.87 30.91
CA THR B 132 -15.52 -3.62 30.25
C THR B 132 -14.39 -3.87 29.25
N LEU B 133 -14.51 -3.27 28.07
CA LEU B 133 -13.45 -3.40 27.08
C LEU B 133 -12.15 -2.75 27.53
N PRO B 134 -11.02 -3.40 27.25
CA PRO B 134 -9.71 -2.85 27.59
C PRO B 134 -9.48 -1.49 26.92
N THR B 135 -8.73 -0.65 27.60
CA THR B 135 -8.27 0.62 27.04
C THR B 135 -7.08 0.39 26.13
N LEU B 136 -7.08 1.05 24.97
CA LEU B 136 -5.93 1.02 24.07
C LEU B 136 -4.73 1.65 24.78
N PRO B 137 -3.56 0.98 24.76
CA PRO B 137 -2.39 1.65 25.31
C PRO B 137 -2.02 2.86 24.44
N GLU B 138 -1.06 3.66 24.89
CA GLU B 138 -0.59 4.81 24.13
C GLU B 138 0.02 4.37 22.80
N GLU B 139 -0.17 5.17 21.76
CA GLU B 139 0.39 4.89 20.44
C GLU B 139 1.91 4.70 20.50
N THR B 140 2.39 3.62 19.92
CA THR B 140 3.82 3.35 19.91
C THR B 140 4.42 3.78 18.58
N GLY B 141 3.67 3.59 17.50
CA GLY B 141 4.10 4.05 16.19
C GLY B 141 3.09 3.72 15.09
N LEU B 142 3.40 4.15 13.88
CA LEU B 142 2.52 3.96 12.72
C LEU B 142 3.24 3.22 11.60
N LEU B 143 2.53 2.33 10.90
CA LEU B 143 3.03 1.63 9.70
C LEU B 143 2.04 1.85 8.57
N PRO B 144 2.50 1.74 7.32
CA PRO B 144 1.55 1.70 6.22
C PRO B 144 0.61 0.51 6.39
N ALA B 145 -0.68 0.75 6.19
CA ALA B 145 -1.71 -0.25 6.42
C ALA B 145 -1.52 -1.58 5.68
N GLU B 146 -1.34 -1.54 4.36
CA GLU B 146 -1.23 -2.76 3.57
C GLU B 146 0.05 -3.53 3.88
N LEU B 147 1.14 -2.78 4.04
CA LEU B 147 2.45 -3.38 4.33
C LEU B 147 2.40 -4.19 5.61
N PHE B 148 1.81 -3.62 6.65
CA PHE B 148 1.74 -4.33 7.92
C PHE B 148 0.84 -5.56 7.84
N ALA B 149 -0.34 -5.42 7.21
CA ALA B 149 -1.23 -6.58 7.08
C ALA B 149 -0.54 -7.71 6.32
N GLU B 150 0.20 -7.34 5.27
CA GLU B 150 0.95 -8.33 4.50
C GLU B 150 2.09 -8.98 5.32
N ALA B 151 2.82 -8.15 6.06
CA ALA B 151 3.95 -8.62 6.85
C ALA B 151 3.51 -9.66 7.90
N ILE B 152 2.38 -9.40 8.54
CA ILE B 152 1.86 -10.34 9.53
C ILE B 152 1.46 -11.66 8.85
N SER B 153 0.75 -11.54 7.72
CA SER B 153 0.33 -12.73 6.97
C SER B 153 1.51 -13.60 6.56
N GLN B 154 2.59 -12.96 6.10
CA GLN B 154 3.82 -13.66 5.74
C GLN B 154 4.39 -14.49 6.88
N VAL B 155 4.69 -13.85 8.01
CA VAL B 155 5.43 -14.56 9.06
C VAL B 155 4.54 -15.55 9.82
N ALA B 156 3.23 -15.31 9.80
CA ALA B 156 2.32 -16.13 10.58
C ALA B 156 2.28 -17.58 10.11
N ILE B 157 2.65 -17.83 8.84
CA ILE B 157 2.62 -19.19 8.31
C ILE B 157 3.65 -20.07 9.04
N ALA B 158 4.65 -19.44 9.65
CA ALA B 158 5.69 -20.21 10.32
C ALA B 158 5.41 -20.47 11.79
N ALA B 159 4.39 -19.83 12.36
CA ALA B 159 4.12 -19.96 13.80
C ALA B 159 3.65 -21.36 14.15
N GLY B 160 4.01 -21.84 15.35
CA GLY B 160 3.51 -23.10 15.83
C GLY B 160 2.03 -22.98 16.13
N ARG B 161 1.33 -24.11 16.12
CA ARG B 161 -0.09 -24.13 16.42
C ARG B 161 -0.42 -25.10 17.55
N ASP B 162 0.59 -25.40 18.37
CA ASP B 162 0.43 -26.39 19.43
C ASP B 162 0.63 -25.73 20.78
N ASP B 163 -0.43 -25.70 21.59
N ASP B 163 -0.42 -25.71 21.59
CA ASP B 163 -0.39 -25.03 22.89
CA ASP B 163 -0.38 -25.03 22.89
C ASP B 163 0.51 -25.74 23.91
C ASP B 163 0.47 -25.77 23.93
N THR B 164 1.02 -26.92 23.58
CA THR B 164 1.94 -27.60 24.48
C THR B 164 3.30 -26.93 24.41
N LEU B 165 3.52 -26.13 23.37
CA LEU B 165 4.71 -25.30 23.24
C LEU B 165 4.31 -23.84 23.02
N PRO B 166 3.82 -23.19 24.08
CA PRO B 166 3.19 -21.86 23.99
C PRO B 166 4.11 -20.83 23.35
N MET B 167 5.41 -20.92 23.63
CA MET B 167 6.35 -19.92 23.10
C MET B 167 6.36 -19.88 21.58
N LEU B 168 5.97 -20.98 20.94
CA LEU B 168 5.97 -21.03 19.47
C LEU B 168 4.67 -20.55 18.82
N THR B 169 3.63 -20.32 19.62
CA THR B 169 2.32 -19.94 19.09
C THR B 169 2.21 -18.42 18.89
N GLY B 170 3.28 -17.69 19.22
CA GLY B 170 3.26 -16.24 19.08
C GLY B 170 4.06 -15.68 17.92
N ILE B 171 3.79 -14.42 17.58
CA ILE B 171 4.65 -13.69 16.67
C ILE B 171 5.47 -12.72 17.51
N ARG B 172 6.78 -12.85 17.44
CA ARG B 172 7.67 -11.95 18.15
C ARG B 172 7.67 -10.59 17.47
N VAL B 173 7.48 -9.54 18.26
CA VAL B 173 7.48 -8.19 17.74
C VAL B 173 8.58 -7.40 18.43
N GLU B 174 9.59 -7.00 17.67
CA GLU B 174 10.70 -6.21 18.21
C GLU B 174 10.63 -4.76 17.75
N ILE B 175 10.50 -3.84 18.69
CA ILE B 175 10.43 -2.42 18.40
C ILE B 175 11.81 -1.78 18.61
N LEU B 176 12.28 -0.98 17.66
CA LEU B 176 13.62 -0.39 17.77
C LEU B 176 13.78 1.00 17.17
N GLY B 177 12.81 1.89 17.40
CA GLY B 177 12.95 3.26 16.96
C GLY B 177 12.71 3.48 15.47
N GLU B 178 13.56 2.92 14.62
CA GLU B 178 13.39 3.09 13.19
CA GLU B 178 13.44 3.06 13.18
C GLU B 178 12.72 1.88 12.55
N THR B 179 12.80 0.73 13.21
CA THR B 179 12.26 -0.48 12.61
C THR B 179 11.43 -1.32 13.55
N VAL B 180 10.59 -2.17 12.96
N VAL B 180 10.61 -2.17 12.94
CA VAL B 180 9.91 -3.24 13.69
CA VAL B 180 9.90 -3.23 13.62
C VAL B 180 10.25 -4.57 13.02
C VAL B 180 10.34 -4.55 13.01
N VAL B 181 10.65 -5.54 13.83
CA VAL B 181 10.97 -6.86 13.33
C VAL B 181 9.90 -7.84 13.82
N LEU B 182 9.36 -8.61 12.89
CA LEU B 182 8.39 -9.66 13.18
C LEU B 182 9.01 -11.04 12.92
N ALA B 183 8.86 -11.97 13.85
CA ALA B 183 9.44 -13.30 13.70
C ALA B 183 8.50 -14.37 14.23
N ALA B 184 8.47 -15.52 13.57
CA ALA B 184 7.69 -16.67 14.05
C ALA B 184 8.42 -17.95 13.69
N THR B 185 8.31 -18.97 14.53
CA THR B 185 8.88 -20.28 14.20
C THR B 185 8.07 -21.41 14.81
N ASP B 186 8.11 -22.59 14.17
CA ASP B 186 7.50 -23.79 14.74
C ASP B 186 8.53 -24.91 14.91
N ARG B 187 9.81 -24.53 14.95
CA ARG B 187 10.99 -25.39 15.05
C ARG B 187 11.43 -25.93 13.68
N PHE B 188 10.57 -25.80 12.67
CA PHE B 188 10.92 -26.34 11.35
C PHE B 188 11.18 -25.26 10.32
N ARG B 189 10.48 -24.15 10.45
CA ARG B 189 10.77 -22.97 9.63
C ARG B 189 10.77 -21.77 10.55
N LEU B 190 11.50 -20.75 10.12
CA LEU B 190 11.61 -19.49 10.83
C LEU B 190 11.39 -18.37 9.83
N ALA B 191 10.37 -17.54 10.04
CA ALA B 191 10.10 -16.41 9.13
C ALA B 191 10.38 -15.11 9.85
N VAL B 192 11.12 -14.21 9.18
CA VAL B 192 11.53 -12.95 9.81
C VAL B 192 11.31 -11.81 8.84
N ARG B 193 10.56 -10.80 9.27
CA ARG B 193 10.26 -9.64 8.44
C ARG B 193 10.67 -8.35 9.13
N GLU B 194 11.35 -7.46 8.42
CA GLU B 194 11.74 -6.18 9.02
C GLU B 194 11.12 -5.03 8.24
N LEU B 195 10.47 -4.13 8.98
CA LEU B 195 9.74 -3.03 8.39
C LEU B 195 10.23 -1.72 8.99
N LYS B 196 10.23 -0.65 8.21
CA LYS B 196 10.53 0.68 8.71
C LYS B 196 9.23 1.36 9.13
N TRP B 197 9.29 2.19 10.16
CA TRP B 197 8.07 2.87 10.59
C TRP B 197 8.26 4.22 11.23
N SER B 198 7.14 4.90 11.44
CA SER B 198 7.12 6.20 12.12
C SER B 198 6.86 6.00 13.60
N ALA B 199 7.92 6.03 14.40
CA ALA B 199 7.80 5.81 15.84
C ALA B 199 7.51 7.12 16.55
N SER B 200 6.66 7.07 17.57
CA SER B 200 6.36 8.25 18.37
C SER B 200 7.59 8.69 19.15
N SER B 201 8.29 7.71 19.72
CA SER B 201 9.54 7.95 20.43
C SER B 201 10.73 7.43 19.61
N PRO B 202 11.77 8.27 19.47
CA PRO B 202 12.96 7.87 18.70
C PRO B 202 13.85 6.89 19.46
N ASP B 203 13.85 6.95 20.79
CA ASP B 203 14.77 6.16 21.59
C ASP B 203 14.14 4.88 22.15
N ILE B 204 13.06 4.41 21.52
CA ILE B 204 12.30 3.27 22.06
C ILE B 204 12.93 1.91 21.72
N GLU B 205 12.87 0.99 22.68
CA GLU B 205 13.41 -0.35 22.48
C GLU B 205 12.67 -1.37 23.34
N ALA B 206 12.03 -2.33 22.69
CA ALA B 206 11.29 -3.38 23.40
C ALA B 206 10.91 -4.53 22.48
N ALA B 207 10.57 -5.66 23.09
CA ALA B 207 10.16 -6.83 22.34
C ALA B 207 9.06 -7.55 23.11
N VAL B 208 8.00 -7.92 22.40
CA VAL B 208 6.89 -8.61 23.01
C VAL B 208 6.56 -9.85 22.17
N LEU B 209 5.68 -10.68 22.70
CA LEU B 209 5.26 -11.87 21.99
C LEU B 209 3.74 -11.89 21.94
N VAL B 210 3.18 -11.96 20.73
CA VAL B 210 1.76 -11.78 20.51
C VAL B 210 1.14 -13.04 19.89
N PRO B 211 0.04 -13.55 20.47
CA PRO B 211 -0.61 -14.73 19.89
C PRO B 211 -0.87 -14.58 18.39
N ALA B 212 -0.50 -15.58 17.60
CA ALA B 212 -0.49 -15.42 16.16
C ALA B 212 -1.82 -15.78 15.53
N LYS B 213 -2.58 -16.63 16.22
CA LYS B 213 -3.76 -17.30 15.65
C LYS B 213 -4.71 -16.39 14.86
N THR B 214 -4.98 -15.18 15.35
CA THR B 214 -5.82 -14.29 14.54
C THR B 214 -5.18 -12.91 14.39
N LEU B 215 -3.88 -12.83 14.59
CA LEU B 215 -3.17 -11.57 14.43
C LEU B 215 -3.23 -11.06 12.98
N ALA B 216 -3.33 -11.97 12.00
CA ALA B 216 -3.46 -11.53 10.60
C ALA B 216 -4.77 -10.78 10.37
N GLU B 217 -5.85 -11.20 11.05
CA GLU B 217 -7.11 -10.45 10.94
C GLU B 217 -7.00 -9.11 11.66
N ALA B 218 -6.39 -9.10 12.84
CA ALA B 218 -6.23 -7.87 13.58
C ALA B 218 -5.37 -6.89 12.79
N ALA B 219 -4.43 -7.42 12.02
CA ALA B 219 -3.48 -6.59 11.27
C ALA B 219 -4.13 -5.80 10.14
N LYS B 220 -5.38 -6.11 9.80
CA LYS B 220 -6.04 -5.42 8.69
C LYS B 220 -6.81 -4.17 9.11
N ALA B 221 -6.62 -3.72 10.35
CA ALA B 221 -7.41 -2.61 10.90
C ALA B 221 -7.27 -1.31 10.09
N GLY B 222 -6.08 -1.07 9.54
CA GLY B 222 -5.82 0.19 8.85
C GLY B 222 -6.23 0.18 7.39
N ILE B 223 -6.65 -0.98 6.90
CA ILE B 223 -7.04 -1.13 5.49
C ILE B 223 -8.20 -0.18 5.18
N GLY B 224 -8.02 0.65 4.16
CA GLY B 224 -8.99 1.70 3.88
C GLY B 224 -8.34 3.05 4.11
N GLY B 225 -7.21 3.02 4.80
CA GLY B 225 -6.48 4.25 5.09
C GLY B 225 -5.01 4.08 4.80
N SER B 226 -4.25 5.14 5.04
CA SER B 226 -2.82 5.15 4.74
C SER B 226 -2.04 4.33 5.76
N ASP B 227 -2.39 4.45 7.03
CA ASP B 227 -1.58 3.85 8.09
C ASP B 227 -2.36 3.02 9.10
N VAL B 228 -1.64 2.15 9.80
CA VAL B 228 -2.18 1.42 10.93
C VAL B 228 -1.37 1.79 12.17
N ARG B 229 -2.05 1.91 13.30
CA ARG B 229 -1.42 2.34 14.55
C ARG B 229 -1.16 1.15 15.48
N LEU B 230 0.08 1.00 15.94
CA LEU B 230 0.43 -0.04 16.91
C LEU B 230 0.54 0.60 18.28
N SER B 231 -0.18 0.06 19.27
CA SER B 231 -0.21 0.64 20.60
C SER B 231 0.23 -0.35 21.67
N LEU B 232 1.45 -0.13 22.16
CA LEU B 232 2.10 -0.96 23.16
C LEU B 232 2.56 -0.10 24.34
N GLY B 233 2.25 1.18 24.29
CA GLY B 233 2.78 2.12 25.27
C GLY B 233 4.00 2.86 24.75
N THR B 234 4.48 3.83 25.53
CA THR B 234 5.58 4.70 25.12
C THR B 234 6.73 4.72 26.12
N GLY B 235 7.92 5.10 25.65
CA GLY B 235 9.07 5.27 26.53
C GLY B 235 9.53 4.00 27.23
N PRO B 236 9.68 4.07 28.55
CA PRO B 236 10.11 2.92 29.37
C PRO B 236 9.03 1.84 29.51
N GLY B 237 7.79 2.27 29.72
CA GLY B 237 6.70 1.35 29.99
C GLY B 237 6.06 0.71 28.76
N VAL B 238 6.87 0.11 27.91
CA VAL B 238 6.35 -0.59 26.74
C VAL B 238 6.11 -2.06 27.04
N GLY B 239 4.89 -2.52 26.80
CA GLY B 239 4.50 -3.89 27.12
C GLY B 239 3.95 -4.00 28.53
N LYS B 240 3.99 -2.88 29.27
CA LYS B 240 3.55 -2.86 30.67
C LYS B 240 2.10 -3.27 30.86
N ASP B 241 1.23 -2.81 29.97
CA ASP B 241 -0.19 -3.13 30.07
C ASP B 241 -0.50 -4.59 29.68
N GLY B 242 0.45 -5.24 29.03
CA GLY B 242 0.31 -6.64 28.66
C GLY B 242 -0.62 -6.83 27.48
N LEU B 243 -0.75 -5.79 26.67
N LEU B 243 -0.74 -5.82 26.63
CA LEU B 243 -1.64 -5.79 25.51
CA LEU B 243 -1.64 -5.96 25.48
C LEU B 243 -0.95 -5.17 24.30
C LEU B 243 -1.24 -5.08 24.31
N LEU B 244 -1.33 -5.63 23.11
N LEU B 244 -1.34 -5.64 23.10
CA LEU B 244 -1.02 -4.96 21.86
CA LEU B 244 -1.00 -4.95 21.87
C LEU B 244 -2.30 -4.40 21.26
C LEU B 244 -2.27 -4.40 21.21
N GLY B 245 -2.35 -3.08 21.11
CA GLY B 245 -3.44 -2.44 20.38
C GLY B 245 -3.08 -2.30 18.91
N ILE B 246 -4.04 -2.59 18.03
CA ILE B 246 -3.89 -2.34 16.60
C ILE B 246 -5.13 -1.61 16.10
N SER B 247 -4.94 -0.44 15.49
CA SER B 247 -6.11 0.33 15.06
C SER B 247 -5.88 1.16 13.82
N GLY B 248 -6.99 1.52 13.21
CA GLY B 248 -6.98 2.46 12.10
C GLY B 248 -8.35 2.50 11.49
N ASN B 249 -8.75 3.66 10.96
CA ASN B 249 -9.94 3.75 10.13
C ASN B 249 -11.22 3.20 10.81
N GLY B 250 -11.49 3.66 12.03
CA GLY B 250 -12.69 3.25 12.76
C GLY B 250 -12.72 1.80 13.26
N LYS B 251 -11.61 1.10 13.15
CA LYS B 251 -11.50 -0.29 13.61
C LYS B 251 -10.32 -0.43 14.58
N ARG B 252 -10.55 -1.13 15.68
CA ARG B 252 -9.44 -1.45 16.58
C ARG B 252 -9.54 -2.84 17.19
N SER B 253 -8.42 -3.32 17.70
CA SER B 253 -8.42 -4.52 18.52
C SER B 253 -7.32 -4.43 19.58
N THR B 254 -7.47 -5.22 20.63
CA THR B 254 -6.38 -5.44 21.55
C THR B 254 -6.19 -6.95 21.70
N THR B 255 -4.95 -7.35 21.86
CA THR B 255 -4.59 -8.75 22.00
C THR B 255 -3.67 -8.90 23.23
N ARG B 256 -4.05 -9.76 24.16
CA ARG B 256 -3.22 -10.00 25.35
C ARG B 256 -1.90 -10.62 24.94
N LEU B 257 -0.78 -10.07 25.42
CA LEU B 257 0.53 -10.61 25.10
C LEU B 257 0.75 -11.98 25.76
N LEU B 258 1.59 -12.79 25.13
CA LEU B 258 2.09 -14.03 25.70
C LEU B 258 3.25 -13.75 26.63
N ASP B 259 3.17 -14.26 27.86
CA ASP B 259 4.25 -14.09 28.81
C ASP B 259 5.17 -15.32 28.73
N ALA B 260 5.69 -15.58 27.54
CA ALA B 260 6.56 -16.73 27.30
C ALA B 260 7.84 -16.28 26.60
N GLU B 261 8.91 -17.05 26.76
CA GLU B 261 10.22 -16.68 26.21
C GLU B 261 10.36 -17.21 24.79
N PHE B 262 10.81 -16.33 23.89
CA PHE B 262 11.00 -16.70 22.49
C PHE B 262 12.43 -17.21 22.27
N PRO B 263 12.61 -18.21 21.38
CA PRO B 263 13.96 -18.69 21.10
C PRO B 263 14.86 -17.60 20.52
N LYS B 264 16.16 -17.67 20.78
CA LYS B 264 17.12 -16.76 20.16
C LYS B 264 17.39 -17.17 18.72
N PHE B 265 16.76 -16.49 17.78
CA PHE B 265 16.75 -16.94 16.38
C PHE B 265 17.83 -16.29 15.52
N ARG B 266 18.39 -15.17 15.98
CA ARG B 266 19.25 -14.40 15.10
C ARG B 266 20.56 -15.10 14.78
N GLN B 267 21.04 -15.93 15.70
CA GLN B 267 22.24 -16.71 15.46
C GLN B 267 22.07 -17.72 14.30
N LEU B 268 20.82 -18.04 13.97
CA LEU B 268 20.54 -19.02 12.92
C LEU B 268 20.65 -18.44 11.50
N LEU B 269 20.60 -17.12 11.38
CA LEU B 269 20.60 -16.49 10.06
C LEU B 269 22.02 -16.46 9.49
N PRO B 270 22.28 -17.26 8.44
CA PRO B 270 23.66 -17.25 7.92
C PRO B 270 24.03 -15.95 7.22
N THR B 271 25.33 -15.65 7.22
CA THR B 271 25.84 -14.47 6.56
C THR B 271 26.59 -14.84 5.28
N GLU B 272 26.63 -16.14 4.97
CA GLU B 272 27.22 -16.61 3.72
C GLU B 272 26.77 -18.02 3.42
N HIS B 273 26.91 -18.42 2.17
CA HIS B 273 26.40 -19.70 1.68
C HIS B 273 27.46 -20.40 0.84
N THR B 274 27.47 -21.72 0.81
CA THR B 274 28.40 -22.41 -0.07
C THR B 274 27.77 -22.66 -1.45
N ALA B 275 26.44 -22.55 -1.53
CA ALA B 275 25.77 -22.56 -2.84
C ALA B 275 24.56 -21.64 -2.81
N VAL B 276 24.26 -21.03 -3.96
CA VAL B 276 23.14 -20.14 -4.11
C VAL B 276 22.35 -20.48 -5.37
N ALA B 277 21.03 -20.51 -5.27
CA ALA B 277 20.19 -20.86 -6.42
C ALA B 277 19.03 -19.88 -6.52
N THR B 278 18.84 -19.28 -7.69
CA THR B 278 17.71 -18.40 -7.94
CA THR B 278 17.66 -18.44 -7.91
C THR B 278 16.79 -19.01 -9.01
N MET B 279 15.48 -18.99 -8.79
CA MET B 279 14.57 -19.54 -9.78
C MET B 279 13.17 -18.92 -9.65
N ASP B 280 12.26 -19.35 -10.52
CA ASP B 280 10.91 -18.80 -10.59
C ASP B 280 10.01 -19.45 -9.56
N VAL B 281 9.33 -18.62 -8.77
CA VAL B 281 8.53 -19.10 -7.66
C VAL B 281 7.31 -19.87 -8.15
N ALA B 282 6.56 -19.28 -9.08
CA ALA B 282 5.36 -19.93 -9.61
C ALA B 282 5.65 -21.30 -10.22
N GLU B 283 6.72 -21.40 -11.02
CA GLU B 283 7.11 -22.66 -11.63
C GLU B 283 7.45 -23.71 -10.58
N LEU B 284 8.21 -23.28 -9.56
CA LEU B 284 8.67 -24.22 -8.53
C LEU B 284 7.50 -24.72 -7.69
N ILE B 285 6.61 -23.81 -7.29
CA ILE B 285 5.41 -24.22 -6.55
C ILE B 285 4.60 -25.26 -7.32
N GLU B 286 4.37 -25.01 -8.61
CA GLU B 286 3.59 -25.94 -9.44
C GLU B 286 4.28 -27.31 -9.56
N ALA B 287 5.60 -27.31 -9.75
CA ALA B 287 6.35 -28.56 -9.88
C ALA B 287 6.36 -29.37 -8.58
N ILE B 288 6.48 -28.68 -7.45
CA ILE B 288 6.43 -29.36 -6.15
C ILE B 288 5.09 -30.06 -5.98
N LYS B 289 4.01 -29.33 -6.23
CA LYS B 289 2.67 -29.89 -6.10
C LYS B 289 2.47 -31.09 -7.02
N LEU B 290 3.11 -31.05 -8.19
CA LEU B 290 2.99 -32.13 -9.16
C LEU B 290 3.75 -33.38 -8.74
N VAL B 291 5.04 -33.25 -8.43
CA VAL B 291 5.83 -34.43 -8.10
C VAL B 291 5.43 -35.02 -6.74
N ALA B 292 4.92 -34.17 -5.84
CA ALA B 292 4.51 -34.65 -4.50
C ALA B 292 3.29 -35.57 -4.54
N LEU B 293 2.65 -35.67 -5.70
CA LEU B 293 1.51 -36.57 -5.86
C LEU B 293 1.86 -38.05 -5.66
N VAL B 294 3.15 -38.39 -5.73
CA VAL B 294 3.60 -39.76 -5.47
C VAL B 294 4.41 -39.87 -4.18
N ALA B 295 4.42 -38.82 -3.37
CA ALA B 295 5.09 -38.88 -2.09
C ALA B 295 4.15 -39.48 -1.06
N ASP B 296 4.63 -40.48 -0.32
CA ASP B 296 3.80 -41.10 0.73
C ASP B 296 3.84 -40.24 2.00
N ARG B 297 2.68 -40.08 2.61
CA ARG B 297 2.50 -39.22 3.80
C ARG B 297 2.79 -37.76 3.51
N GLY B 298 3.00 -37.43 2.23
CA GLY B 298 3.44 -36.12 1.83
C GLY B 298 4.73 -35.74 2.55
N ALA B 299 5.59 -36.73 2.74
CA ALA B 299 6.76 -36.56 3.58
C ALA B 299 7.86 -35.71 2.93
N GLN B 300 8.23 -35.99 1.68
CA GLN B 300 9.48 -35.43 1.16
C GLN B 300 9.58 -35.21 -0.36
N VAL B 301 10.12 -34.04 -0.76
CA VAL B 301 10.56 -33.85 -2.14
C VAL B 301 12.07 -33.60 -2.16
N ARG B 302 12.73 -34.09 -3.21
N ARG B 302 12.73 -34.13 -3.19
CA ARG B 302 14.18 -34.01 -3.31
CA ARG B 302 14.19 -34.05 -3.32
C ARG B 302 14.61 -33.08 -4.43
C ARG B 302 14.58 -33.05 -4.40
N MET B 303 15.65 -32.30 -4.18
CA MET B 303 16.14 -31.34 -5.17
C MET B 303 17.60 -31.59 -5.45
N GLU B 304 17.92 -31.89 -6.71
CA GLU B 304 19.30 -32.03 -7.15
C GLU B 304 19.70 -30.82 -7.99
N PHE B 305 20.36 -29.86 -7.34
CA PHE B 305 20.82 -28.64 -7.99
C PHE B 305 22.14 -28.89 -8.70
N ALA B 306 22.28 -28.36 -9.92
CA ALA B 306 23.56 -28.33 -10.61
C ALA B 306 23.59 -27.09 -11.48
N ASP B 307 24.65 -26.91 -12.26
CA ASP B 307 24.70 -25.74 -13.12
C ASP B 307 23.53 -25.74 -14.11
N GLY B 308 22.74 -24.67 -14.07
CA GLY B 308 21.69 -24.47 -15.07
C GLY B 308 20.34 -25.13 -14.81
N SER B 309 20.28 -26.08 -13.89
CA SER B 309 19.06 -26.88 -13.74
C SER B 309 18.97 -27.53 -12.37
N VAL B 310 17.75 -27.74 -11.89
CA VAL B 310 17.53 -28.56 -10.71
C VAL B 310 16.51 -29.65 -11.02
N ARG B 311 16.80 -30.87 -10.60
CA ARG B 311 15.87 -31.98 -10.72
C ARG B 311 15.08 -32.09 -9.43
N LEU B 312 13.77 -31.92 -9.55
CA LEU B 312 12.88 -32.10 -8.41
C LEU B 312 12.26 -33.49 -8.53
N SER B 313 12.26 -34.27 -7.45
CA SER B 313 11.73 -35.62 -7.55
C SER B 313 11.04 -36.04 -6.27
N ALA B 314 10.24 -37.09 -6.37
CA ALA B 314 9.59 -37.69 -5.23
C ALA B 314 9.20 -39.12 -5.53
N GLY B 315 8.80 -39.84 -4.48
CA GLY B 315 8.25 -41.17 -4.63
C GLY B 315 9.21 -42.31 -4.39
N ALA B 316 8.72 -43.53 -4.53
CA ALA B 316 9.55 -44.73 -4.46
C ALA B 316 9.02 -45.78 -5.44
N ASP B 317 9.84 -46.79 -5.72
CA ASP B 317 9.52 -47.80 -6.73
C ASP B 317 8.22 -48.59 -6.47
N ASP B 318 7.69 -48.51 -5.25
CA ASP B 318 6.53 -49.31 -4.87
C ASP B 318 5.19 -48.63 -5.17
N VAL B 319 5.14 -47.30 -5.08
CA VAL B 319 3.91 -46.54 -5.35
C VAL B 319 4.03 -45.75 -6.66
N GLY B 320 5.25 -45.30 -6.95
CA GLY B 320 5.52 -44.58 -8.18
C GLY B 320 6.54 -43.50 -7.94
N ARG B 321 7.25 -43.12 -9.00
N ARG B 321 7.24 -43.11 -9.00
CA ARG B 321 8.23 -42.05 -8.90
CA ARG B 321 8.23 -42.06 -8.92
C ARG B 321 7.89 -40.91 -9.85
C ARG B 321 7.87 -40.90 -9.84
N ALA B 322 8.32 -39.70 -9.51
CA ALA B 322 8.04 -38.52 -10.30
C ALA B 322 9.25 -37.60 -10.28
N GLU B 323 9.51 -36.93 -11.40
CA GLU B 323 10.55 -35.92 -11.43
C GLU B 323 10.26 -34.84 -12.47
N GLU B 324 10.81 -33.66 -12.24
CA GLU B 324 10.71 -32.56 -13.20
C GLU B 324 11.97 -31.72 -13.13
N ASP B 325 12.49 -31.35 -14.29
CA ASP B 325 13.66 -30.47 -14.38
C ASP B 325 13.21 -29.02 -14.54
N LEU B 326 13.79 -28.14 -13.73
CA LEU B 326 13.49 -26.71 -13.78
C LEU B 326 14.77 -25.92 -14.00
N VAL B 327 14.68 -24.82 -14.74
CA VAL B 327 15.84 -23.95 -14.96
C VAL B 327 16.20 -23.25 -13.64
N VAL B 328 17.49 -23.15 -13.35
N VAL B 328 17.50 -23.15 -13.36
CA VAL B 328 17.95 -22.42 -12.18
CA VAL B 328 18.02 -22.48 -12.18
C VAL B 328 19.21 -21.62 -12.51
C VAL B 328 19.23 -21.62 -12.53
N ASP B 329 19.35 -20.46 -11.88
CA ASP B 329 20.58 -19.70 -11.97
C ASP B 329 21.40 -20.10 -10.73
N TYR B 330 22.36 -21.00 -10.92
CA TYR B 330 23.00 -21.71 -9.81
C TYR B 330 24.46 -21.30 -9.63
N ALA B 331 24.93 -21.31 -8.38
CA ALA B 331 26.33 -21.02 -8.09
C ALA B 331 26.83 -21.94 -6.99
N GLY B 332 28.01 -22.52 -7.18
CA GLY B 332 28.57 -23.44 -6.21
C GLY B 332 28.75 -24.84 -6.80
N GLU B 333 28.83 -25.83 -5.92
CA GLU B 333 28.93 -27.22 -6.34
C GLU B 333 27.55 -27.85 -6.27
N PRO B 334 27.28 -28.87 -7.12
CA PRO B 334 26.00 -29.57 -7.07
C PRO B 334 25.64 -30.03 -5.66
N LEU B 335 24.36 -29.93 -5.33
CA LEU B 335 23.90 -30.24 -3.99
C LEU B 335 22.57 -30.97 -4.09
N THR B 336 22.44 -32.07 -3.37
CA THR B 336 21.16 -32.74 -3.23
C THR B 336 20.62 -32.51 -1.84
N ILE B 337 19.39 -32.01 -1.76
CA ILE B 337 18.82 -31.62 -0.49
C ILE B 337 17.31 -31.92 -0.56
N ALA B 338 16.72 -32.33 0.55
CA ALA B 338 15.30 -32.69 0.56
C ALA B 338 14.52 -31.83 1.54
N PHE B 339 13.23 -31.64 1.26
CA PHE B 339 12.36 -30.80 2.06
C PHE B 339 11.00 -31.42 2.20
N ASN B 340 10.34 -31.07 3.31
CA ASN B 340 8.90 -31.22 3.46
C ASN B 340 8.24 -30.29 2.44
N PRO B 341 7.49 -30.86 1.48
CA PRO B 341 6.94 -30.07 0.37
C PRO B 341 5.94 -29.02 0.84
N THR B 342 5.19 -29.30 1.91
CA THR B 342 4.26 -28.30 2.43
C THR B 342 5.03 -27.11 3.02
N TYR B 343 6.05 -27.40 3.83
CA TYR B 343 6.88 -26.33 4.41
C TYR B 343 7.58 -25.52 3.33
N LEU B 344 7.98 -26.21 2.27
CA LEU B 344 8.68 -25.56 1.19
C LEU B 344 7.72 -24.64 0.40
N THR B 345 6.57 -25.17 0.04
N THR B 345 6.56 -25.13 0.00
CA THR B 345 5.55 -24.38 -0.66
CA THR B 345 5.64 -24.26 -0.71
C THR B 345 5.10 -23.20 0.21
C THR B 345 5.07 -23.17 0.22
N ASP B 346 4.94 -23.45 1.50
CA ASP B 346 4.57 -22.39 2.46
C ASP B 346 5.57 -21.24 2.38
N GLY B 347 6.86 -21.58 2.32
CA GLY B 347 7.88 -20.56 2.27
C GLY B 347 7.86 -19.80 0.97
N LEU B 348 7.75 -20.53 -0.14
CA LEU B 348 7.71 -19.91 -1.46
C LEU B 348 6.52 -18.94 -1.56
N SER B 349 5.36 -19.38 -1.06
CA SER B 349 4.15 -18.56 -1.11
C SER B 349 4.23 -17.33 -0.22
N SER B 350 5.08 -17.39 0.80
CA SER B 350 5.24 -16.29 1.74
C SER B 350 6.17 -15.21 1.19
N LEU B 351 6.88 -15.52 0.11
CA LEU B 351 7.86 -14.58 -0.43
C LEU B 351 7.19 -13.35 -1.06
N ARG B 352 6.02 -13.58 -1.64
CA ARG B 352 5.28 -12.54 -2.35
C ARG B 352 6.13 -11.86 -3.41
N SER B 353 6.99 -12.65 -4.08
N SER B 353 6.96 -12.65 -4.09
CA SER B 353 7.84 -12.14 -5.14
CA SER B 353 7.83 -12.15 -5.15
C SER B 353 7.83 -13.10 -6.34
C SER B 353 7.83 -13.10 -6.35
N GLU B 354 8.26 -12.61 -7.50
CA GLU B 354 8.31 -13.45 -8.71
C GLU B 354 9.39 -14.53 -8.62
N ARG B 355 10.55 -14.17 -8.06
CA ARG B 355 11.67 -15.10 -7.97
C ARG B 355 12.12 -15.35 -6.53
N VAL B 356 12.76 -16.49 -6.32
CA VAL B 356 13.31 -16.88 -5.01
C VAL B 356 14.80 -17.08 -5.11
N SER B 357 15.55 -16.62 -4.10
CA SER B 357 16.92 -17.03 -3.94
C SER B 357 17.04 -18.00 -2.75
N PHE B 358 17.64 -19.17 -3.00
CA PHE B 358 18.01 -20.14 -1.95
C PHE B 358 19.49 -19.95 -1.58
N GLY B 359 19.77 -19.91 -0.29
CA GLY B 359 21.14 -19.94 0.19
C GLY B 359 21.38 -21.21 0.99
N PHE B 360 22.30 -22.05 0.52
CA PHE B 360 22.54 -23.36 1.11
C PHE B 360 23.92 -23.51 1.76
N THR B 361 24.01 -24.38 2.76
CA THR B 361 25.33 -24.95 3.12
C THR B 361 25.27 -26.47 2.84
N THR B 362 25.10 -27.32 3.86
CA THR B 362 25.04 -28.76 3.61
C THR B 362 23.59 -29.27 3.50
N ALA B 363 23.43 -30.52 3.08
CA ALA B 363 22.10 -31.12 2.91
C ALA B 363 21.38 -31.28 4.24
N GLY B 364 22.12 -31.15 5.34
CA GLY B 364 21.57 -31.31 6.68
C GLY B 364 21.38 -30.02 7.47
N LYS B 365 21.62 -28.87 6.84
CA LYS B 365 21.58 -27.57 7.52
C LYS B 365 20.54 -26.65 6.89
N PRO B 366 20.11 -25.59 7.61
CA PRO B 366 18.99 -24.78 7.11
C PRO B 366 19.21 -24.17 5.73
N ALA B 367 18.12 -24.03 4.99
CA ALA B 367 18.13 -23.32 3.72
C ALA B 367 17.47 -21.96 3.91
N LEU B 368 18.17 -20.92 3.46
N LEU B 368 18.11 -20.91 3.39
CA LEU B 368 17.62 -19.57 3.48
CA LEU B 368 17.62 -19.54 3.53
C LEU B 368 16.82 -19.38 2.21
C LEU B 368 16.90 -19.02 2.28
N LEU B 369 15.58 -18.91 2.35
CA LEU B 369 14.80 -18.45 1.20
C LEU B 369 14.60 -16.93 1.33
N ARG B 370 14.84 -16.21 0.25
CA ARG B 370 14.56 -14.78 0.28
C ARG B 370 13.98 -14.32 -1.05
N PRO B 371 13.20 -13.24 -1.02
CA PRO B 371 12.62 -12.75 -2.27
C PRO B 371 13.67 -12.02 -3.10
N VAL B 372 13.60 -12.17 -4.42
CA VAL B 372 14.52 -11.47 -5.30
C VAL B 372 13.91 -10.13 -5.66
N SER B 373 14.68 -9.06 -5.45
CA SER B 373 14.21 -7.70 -5.73
C SER B 373 15.01 -7.07 -6.87
N GLY B 374 14.63 -5.86 -7.26
CA GLY B 374 15.32 -5.17 -8.33
C GLY B 374 16.50 -4.39 -7.82
N ASP B 375 16.39 -3.89 -6.60
CA ASP B 375 17.43 -3.06 -5.99
C ASP B 375 18.46 -3.88 -5.23
N ASP B 376 18.40 -5.21 -5.37
CA ASP B 376 19.39 -6.10 -4.77
C ASP B 376 20.77 -5.85 -5.39
N ARG B 377 21.77 -5.63 -4.55
CA ARG B 377 23.15 -5.55 -5.01
C ARG B 377 23.68 -6.96 -5.28
N PRO B 378 24.27 -7.17 -6.48
CA PRO B 378 24.72 -8.49 -6.92
C PRO B 378 25.75 -9.10 -5.97
N VAL B 379 25.79 -10.43 -5.91
CA VAL B 379 26.84 -11.11 -5.15
C VAL B 379 28.13 -11.04 -5.95
N ALA B 380 29.15 -10.39 -5.39
CA ALA B 380 30.45 -10.32 -6.06
C ALA B 380 31.10 -11.69 -6.01
N GLY B 381 31.72 -12.07 -7.12
CA GLY B 381 32.39 -13.36 -7.20
C GLY B 381 31.42 -14.52 -7.22
N LEU B 382 30.16 -14.24 -7.55
CA LEU B 382 29.11 -15.26 -7.63
C LEU B 382 29.49 -16.37 -8.62
N ASN B 383 30.20 -16.01 -9.68
CA ASN B 383 30.59 -17.02 -10.68
C ASN B 383 31.78 -17.87 -10.22
N GLY B 384 32.45 -17.40 -9.18
CA GLY B 384 33.64 -18.05 -8.66
C GLY B 384 33.34 -19.24 -7.74
N ASN B 385 34.14 -19.39 -6.69
CA ASN B 385 34.06 -20.54 -5.80
C ASN B 385 33.15 -20.32 -4.58
N GLY B 386 33.10 -19.09 -4.10
CA GLY B 386 32.39 -18.88 -2.84
C GLY B 386 33.34 -19.22 -1.70
N PRO B 387 32.84 -19.22 -0.45
CA PRO B 387 31.45 -18.99 -0.02
C PRO B 387 30.94 -17.63 -0.43
N PHE B 388 29.64 -17.57 -0.71
CA PHE B 388 29.00 -16.38 -1.26
C PHE B 388 28.30 -15.59 -0.15
N PRO B 389 28.60 -14.30 -0.03
CA PRO B 389 28.00 -13.51 1.06
C PRO B 389 26.49 -13.42 0.88
N ALA B 390 25.74 -13.50 1.97
CA ALA B 390 24.29 -13.32 1.95
C ALA B 390 23.91 -11.91 1.51
N VAL B 391 22.83 -11.80 0.75
CA VAL B 391 22.38 -10.50 0.27
C VAL B 391 21.38 -9.91 1.26
N SER B 392 21.52 -8.62 1.55
CA SER B 392 20.61 -7.92 2.46
C SER B 392 19.17 -8.07 1.98
N THR B 393 18.27 -8.36 2.92
CA THR B 393 16.88 -8.61 2.56
C THR B 393 16.03 -8.18 3.75
N ASP B 394 14.78 -7.81 3.48
CA ASP B 394 13.87 -7.45 4.56
C ASP B 394 12.94 -8.60 4.91
N TYR B 395 13.08 -9.71 4.20
CA TYR B 395 12.31 -10.90 4.57
C TYR B 395 13.14 -12.16 4.38
N VAL B 396 13.11 -13.06 5.36
N VAL B 396 12.96 -13.08 5.32
CA VAL B 396 13.72 -14.37 5.18
CA VAL B 396 13.72 -14.33 5.38
C VAL B 396 12.79 -15.46 5.67
C VAL B 396 12.80 -15.50 5.76
N TYR B 397 12.84 -16.61 5.01
CA TYR B 397 12.17 -17.83 5.46
C TYR B 397 13.26 -18.89 5.52
N LEU B 398 13.63 -19.27 6.75
CA LEU B 398 14.70 -20.22 6.99
C LEU B 398 14.07 -21.59 7.18
N LEU B 399 14.44 -22.54 6.34
CA LEU B 399 13.76 -23.84 6.33
C LEU B 399 14.69 -25.00 6.60
N MET B 400 14.38 -25.82 7.61
CA MET B 400 15.20 -27.00 7.84
C MET B 400 14.87 -28.07 6.79
N PRO B 401 15.92 -28.70 6.22
CA PRO B 401 15.71 -29.85 5.33
C PRO B 401 15.37 -31.11 6.11
N VAL B 402 14.92 -32.14 5.42
CA VAL B 402 14.73 -33.45 6.03
C VAL B 402 15.84 -34.33 5.50
N ARG B 403 16.13 -35.43 6.18
CA ARG B 403 17.23 -36.31 5.77
C ARG B 403 16.84 -37.17 4.58
N LEU B 404 17.78 -37.34 3.65
CA LEU B 404 17.56 -38.22 2.51
C LEU B 404 17.64 -39.66 3.01
N PRO B 405 16.85 -40.57 2.40
CA PRO B 405 16.76 -41.98 2.81
C PRO B 405 18.10 -42.70 2.98
N GLY B 406 19.14 -42.20 2.31
CA GLY B 406 20.46 -42.82 2.39
C GLY B 406 21.35 -42.21 3.46
C ACE C 1 22.24 28.90 -17.31
O ACE C 1 22.59 28.19 -16.37
CH3 ACE C 1 23.08 30.06 -17.78
N MVA C 2 21.09 28.72 -17.97
CN MVA C 2 20.65 29.53 -19.11
CA MVA C 2 20.20 27.62 -17.55
CB MVA C 2 18.94 28.28 -16.96
CG1 MVA C 2 17.98 27.25 -16.39
CG2 MVA C 2 19.30 29.29 -15.86
C MVA C 2 19.87 26.73 -18.71
O MVA C 2 18.84 26.88 -19.35
C MP8 C 3 19.52 23.98 -20.08
N MP8 C 3 20.78 25.81 -19.02
O MP8 C 3 19.13 23.66 -18.96
CA MP8 C 3 20.63 24.97 -20.21
CB MP8 C 3 21.97 24.22 -20.26
CD MP8 C 3 21.99 25.50 -18.27
CE MP8 C 3 23.93 23.93 -18.72
CG MP8 C 3 22.43 24.16 -18.83
N NZC C 4 19.01 23.45 -21.19
O NZC C 4 19.69 20.86 -21.73
OG1 NZC C 4 17.15 22.19 -23.21
C NZC C 4 18.63 21.01 -21.13
CA NZC C 4 18.01 22.38 -20.98
CB NZC C 4 16.77 22.47 -21.87
CG2 NZC C 4 16.05 23.81 -21.76
C40 NZC C 4 19.41 23.88 -22.54
N LEU C 5 17.97 19.98 -20.59
CA LEU C 5 18.26 18.60 -20.93
C LEU C 5 18.34 18.45 -22.44
C MP8 C 6 18.23 16.69 -25.01
N MP8 C 6 19.27 17.67 -22.98
O MP8 C 6 18.50 15.74 -25.71
CA MP8 C 6 19.33 17.55 -24.44
CB MP8 C 6 20.68 16.89 -24.67
CD MP8 C 6 20.34 16.97 -22.29
CE MP8 C 6 22.52 16.04 -23.12
CG MP8 C 6 21.03 16.15 -23.37
N LEU C 7 16.98 16.99 -24.71
CA LEU C 7 15.84 16.31 -25.33
C LEU C 7 15.79 16.56 -26.81
N MVA C 8 15.43 15.54 -27.58
CN MVA C 8 15.29 14.17 -27.09
CA MVA C 8 15.17 15.78 -28.99
CB MVA C 8 16.13 14.88 -29.77
CG1 MVA C 8 17.58 15.30 -29.54
CG2 MVA C 8 15.79 14.88 -31.26
C MVA C 8 13.74 15.44 -29.35
O MVA C 8 13.32 14.29 -29.29
C PH6 C 9 13.12 18.39 -28.30
O PH6 C 9 12.70 17.66 -27.41
CA PH6 C 9 13.24 17.85 -29.70
CB PH6 C 9 12.10 18.44 -30.52
CG PH6 C 9 10.92 17.56 -30.15
CD PH6 C 9 11.51 16.17 -30.08
N PH6 C 9 12.90 16.42 -29.69
C1 PH6 C 9 9.75 17.66 -31.10
C6 PH6 C 9 8.69 16.62 -30.73
C5 PH6 C 9 7.46 16.75 -31.62
C4 PH6 C 9 6.89 18.17 -31.55
C3 PH6 C 9 7.94 19.20 -31.96
C2 PH6 C 9 9.18 19.07 -31.09
N MLU C 10 13.49 19.64 -28.04
CN MLU C 10 14.30 20.48 -28.95
CA MLU C 10 13.11 20.21 -26.75
C MLU C 10 14.24 21.01 -26.18
O MLU C 10 14.04 22.19 -25.86
CB MLU C 10 11.93 21.14 -27.01
CG MLU C 10 10.64 20.37 -27.20
CD1 MLU C 10 10.26 19.55 -25.98
CD2 MLU C 10 9.49 21.30 -27.61
N GLY C 11 15.40 20.41 -26.00
CA GLY C 11 16.50 21.11 -25.39
C GLY C 11 16.19 21.42 -23.95
C ACE D 1 14.35 -36.62 9.48
O ACE D 1 14.31 -36.04 8.40
CH3 ACE D 1 15.04 -37.94 9.65
N MVA D 2 13.78 -36.11 10.58
CN MVA D 2 13.77 -36.77 11.88
CA MVA D 2 13.16 -34.79 10.48
CB MVA D 2 11.65 -34.98 10.65
CG1 MVA D 2 10.88 -33.68 10.42
CG2 MVA D 2 11.09 -36.06 9.71
C MVA D 2 13.73 -33.90 11.56
O MVA D 2 13.10 -33.65 12.59
C MP8 D 3 14.98 -31.28 12.55
N MP8 D 3 14.94 -33.41 11.34
O MP8 D 3 14.28 -30.80 11.65
CA MP8 D 3 15.64 -32.61 12.35
CB MP8 D 3 17.02 -32.35 11.72
CD MP8 D 3 15.74 -33.56 10.11
CE MP8 D 3 18.06 -32.70 9.46
CG MP8 D 3 16.77 -32.44 10.22
N NZC D 4 15.22 -30.63 13.69
O NZC D 4 16.87 -28.59 13.44
OG1 NZC D 4 15.00 -28.81 16.14
C NZC D 4 15.71 -28.25 13.49
CA NZC D 4 14.65 -29.27 13.79
CB NZC D 4 13.98 -28.93 15.15
CG2 NZC D 4 12.95 -29.96 15.60
C40 NZC D 4 16.03 -31.22 14.76
N LEU D 5 15.30 -26.99 13.25
CA LEU D 5 16.24 -25.88 13.21
C LEU D 5 17.07 -25.83 14.47
C MP8 D 6 18.88 -24.32 16.52
N MP8 D 6 18.36 -25.50 14.41
O MP8 D 6 19.74 -23.51 16.81
CA MP8 D 6 19.16 -25.51 15.63
CB MP8 D 6 20.60 -25.48 15.10
CD MP8 D 6 19.14 -25.17 13.21
CE MP8 D 6 21.67 -25.16 12.83
CG MP8 D 6 20.51 -24.78 13.75
N LEU D 7 17.62 -24.18 16.94
CA LEU D 7 17.25 -23.13 17.87
C LEU D 7 17.78 -23.50 19.23
N MVA D 8 18.29 -22.52 19.97
CN MVA D 8 18.42 -21.14 19.51
CA MVA D 8 18.76 -22.88 21.32
CB MVA D 8 20.27 -22.64 21.36
CG1 MVA D 8 21.03 -23.36 20.25
CG2 MVA D 8 20.83 -23.06 22.72
C MVA D 8 18.11 -22.03 22.37
O MVA D 8 18.50 -20.88 22.54
C PH6 D 9 15.72 -24.20 22.00
O PH6 D 9 15.30 -23.25 21.37
CA PH6 D 9 16.72 -23.95 23.09
CB PH6 D 9 15.97 -24.07 24.41
CG PH6 D 9 15.27 -22.74 24.55
CD PH6 D 9 16.31 -21.75 24.04
N PH6 D 9 17.11 -22.55 23.11
C1 PH6 D 9 14.82 -22.47 25.98
C6 PH6 D 9 14.24 -21.08 26.12
C5 PH6 D 9 13.64 -20.85 27.50
C4 PH6 D 9 12.60 -21.90 27.83
C3 PH6 D 9 13.24 -23.28 27.77
C2 PH6 D 9 13.77 -23.51 26.36
N MLU D 10 15.29 -25.45 21.77
CN MLU D 10 15.83 -26.69 22.36
CA MLU D 10 14.19 -25.63 20.84
C MLU D 10 14.51 -26.77 19.92
O MLU D 10 13.79 -27.75 19.85
CB MLU D 10 12.94 -26.03 21.65
CG MLU D 10 12.42 -24.90 22.53
CD1 MLU D 10 11.90 -23.71 21.73
CD2 MLU D 10 11.34 -25.41 23.49
N GLY D 11 15.62 -26.64 19.19
CA GLY D 11 15.94 -27.64 18.19
C GLY D 11 14.87 -27.74 17.12
CA CA E . 15.75 0.49 -15.57
NA NA F . 23.66 5.37 -12.24
NA NA G . 14.46 32.03 0.52
NA NA H . -9.97 10.94 -12.00
NA NA I . -9.42 9.14 -15.70
NA NA J . -21.19 27.75 -3.29
NA NA K . -33.92 26.21 -13.11
O6 BU3 L . 13.74 1.45 -16.47
C3 BU3 L . 13.52 2.79 -16.81
C4 BU3 L . 13.81 3.00 -18.29
C2 BU3 L . 14.42 3.65 -15.96
O5 BU3 L . 15.70 3.04 -15.87
C1 BU3 L . 13.81 3.78 -14.59
O6 BU3 M . -10.86 6.25 -6.05
C3 BU3 M . -10.44 6.86 -7.24
C4 BU3 M . -10.91 6.05 -8.43
C2 BU3 M . -8.93 6.96 -7.23
O5 BU3 M . -8.55 7.90 -8.21
C1 BU3 M . -8.31 5.61 -7.52
O6 BU3 N . -30.49 6.27 5.42
C3 BU3 N . -29.68 5.64 6.36
C4 BU3 N . -30.41 4.41 6.88
C2 BU3 N . -29.48 6.60 7.50
O5 BU3 N . -30.75 6.90 8.02
C1 BU3 N . -28.85 7.86 6.95
NA NA O . -5.26 -0.03 0.50
CA CA P . 25.98 -19.55 -15.49
CA CA Q . 17.82 -7.87 7.02
CA CA R . 31.58 -21.27 -10.00
CA CA S . -16.72 -15.50 18.80
CA CA T . 21.69 -14.20 -0.59
NA NA U . 24.29 -18.99 -13.29
NA NA V . -18.49 0.27 8.04
NA NA W . -17.99 -1.06 22.76
NA NA X . 3.60 -32.56 3.54
NA NA Y . 4.97 -23.64 -14.91
O6 BU3 Z . -18.42 -14.00 17.25
C3 BU3 Z . -19.04 -12.91 17.91
C4 BU3 Z . -19.35 -11.84 16.89
C2 BU3 Z . -18.10 -12.38 18.97
O5 BU3 Z . -17.64 -13.43 19.79
C1 BU3 Z . -18.82 -11.39 19.86
O6 BU3 AA . 17.08 -10.13 7.50
C3 BU3 AA . 15.93 -10.30 8.30
C4 BU3 AA . 14.68 -10.20 7.45
C2 BU3 AA . 15.90 -9.24 9.37
O5 BU3 AA . 16.22 -8.01 8.77
C1 BU3 AA . 16.90 -9.56 10.45
#